data_2P81
#
_entry.id   2P81
#
_cell.length_a   1.000
_cell.length_b   1.000
_cell.length_c   1.000
_cell.angle_alpha   90.00
_cell.angle_beta   90.00
_cell.angle_gamma   90.00
#
_symmetry.space_group_name_H-M   'P 1'
#
_entity_poly.entity_id   1
_entity_poly.type   'polypeptide(L)'
_entity_poly.pdbx_seq_one_letter_code
;AKREFNENRYLTERRRQQLSSELGLNEAQIKIWFQNKRAKIKKS
;
_entity_poly.pdbx_strand_id   A
#
# COMPACT_ATOMS: atom_id res chain seq x y z
N ALA A 1 -7.24 -20.47 14.25
CA ALA A 1 -7.55 -19.04 14.02
C ALA A 1 -6.35 -18.29 13.48
N LYS A 2 -5.21 -18.44 14.16
CA LYS A 2 -3.97 -17.77 13.73
C LYS A 2 -3.23 -18.61 12.70
N ARG A 3 -3.04 -18.04 11.51
CA ARG A 3 -2.35 -18.74 10.44
C ARG A 3 -1.77 -17.76 9.43
N GLU A 4 -2.65 -16.96 8.82
CA GLU A 4 -2.24 -15.98 7.83
C GLU A 4 -3.08 -14.71 7.95
N PHE A 5 -2.67 -13.66 7.23
CA PHE A 5 -3.39 -12.40 7.25
C PHE A 5 -3.62 -11.88 5.84
N ASN A 6 -4.16 -10.67 5.74
CA ASN A 6 -4.43 -10.06 4.44
C ASN A 6 -3.14 -9.60 3.77
N GLU A 7 -2.64 -10.41 2.85
CA GLU A 7 -1.42 -10.09 2.12
C GLU A 7 -1.66 -8.89 1.20
N ASN A 8 -1.62 -7.70 1.79
CA ASN A 8 -1.86 -6.48 1.03
C ASN A 8 -3.25 -6.47 0.44
N ARG A 9 -4.22 -6.14 1.28
CA ARG A 9 -5.63 -6.09 0.88
C ARG A 9 -6.43 -5.25 1.86
N TYR A 10 -6.39 -5.65 3.12
CA TYR A 10 -7.11 -4.96 4.20
C TYR A 10 -7.04 -3.43 4.03
N LEU A 11 -5.84 -2.93 3.77
CA LEU A 11 -5.64 -1.49 3.60
C LEU A 11 -5.01 -1.20 2.23
N THR A 12 -4.41 -2.21 1.62
CA THR A 12 -3.78 -2.05 0.32
C THR A 12 -4.75 -1.48 -0.70
N GLU A 13 -5.61 -2.34 -1.24
CA GLU A 13 -6.60 -1.93 -2.24
C GLU A 13 -7.55 -0.87 -1.68
N ARG A 14 -7.87 -0.98 -0.40
CA ARG A 14 -8.78 -0.03 0.24
C ARG A 14 -8.17 1.37 0.29
N ARG A 15 -6.93 1.46 0.75
CA ARG A 15 -6.24 2.74 0.85
C ARG A 15 -5.68 3.17 -0.50
N ARG A 16 -5.40 2.21 -1.37
CA ARG A 16 -4.84 2.50 -2.69
C ARG A 16 -5.82 3.32 -3.53
N GLN A 17 -7.09 2.94 -3.49
CA GLN A 17 -8.12 3.63 -4.26
C GLN A 17 -8.41 5.00 -3.64
N GLN A 18 -8.39 5.07 -2.32
CA GLN A 18 -8.65 6.32 -1.62
C GLN A 18 -7.44 7.25 -1.69
N LEU A 19 -6.25 6.67 -1.59
CA LEU A 19 -5.03 7.47 -1.65
C LEU A 19 -4.87 8.12 -3.01
N SER A 20 -5.28 7.40 -4.05
CA SER A 20 -5.19 7.93 -5.41
C SER A 20 -6.02 9.19 -5.56
N SER A 21 -7.30 9.08 -5.19
CA SER A 21 -8.22 10.21 -5.28
C SER A 21 -7.85 11.30 -4.27
N GLU A 22 -7.44 10.88 -3.08
CA GLU A 22 -7.07 11.82 -2.02
C GLU A 22 -5.81 12.61 -2.37
N LEU A 23 -4.78 11.89 -2.82
CA LEU A 23 -3.52 12.52 -3.19
C LEU A 23 -3.55 13.04 -4.62
N GLY A 24 -4.46 12.50 -5.43
CA GLY A 24 -4.57 12.93 -6.80
C GLY A 24 -3.43 12.40 -7.67
N LEU A 25 -2.88 11.26 -7.28
CA LEU A 25 -1.78 10.65 -8.02
C LEU A 25 -2.26 9.39 -8.75
N ASN A 26 -1.48 8.94 -9.71
CA ASN A 26 -1.82 7.76 -10.48
C ASN A 26 -1.32 6.49 -9.78
N GLU A 27 -2.01 5.39 -10.01
CA GLU A 27 -1.64 4.10 -9.41
C GLU A 27 -0.17 3.79 -9.67
N ALA A 28 0.34 4.30 -10.79
CA ALA A 28 1.74 4.09 -11.15
C ALA A 28 2.64 4.63 -10.05
N GLN A 29 2.21 5.72 -9.44
CA GLN A 29 2.94 6.34 -8.34
C GLN A 29 2.64 5.57 -7.06
N ILE A 30 1.46 4.97 -7.02
CA ILE A 30 1.00 4.19 -5.87
C ILE A 30 1.88 2.95 -5.69
N LYS A 31 2.26 2.31 -6.79
CA LYS A 31 3.10 1.13 -6.72
C LYS A 31 4.41 1.47 -6.03
N ILE A 32 5.05 2.53 -6.49
CA ILE A 32 6.31 3.00 -5.91
C ILE A 32 6.06 3.56 -4.52
N TRP A 33 4.99 4.32 -4.40
CA TRP A 33 4.60 4.93 -3.14
C TRP A 33 4.40 3.88 -2.06
N PHE A 34 3.61 2.86 -2.40
CA PHE A 34 3.34 1.78 -1.47
C PHE A 34 4.57 0.92 -1.24
N GLN A 35 5.28 0.63 -2.33
CA GLN A 35 6.47 -0.18 -2.24
C GLN A 35 7.55 0.57 -1.45
N ASN A 36 7.55 1.89 -1.55
CA ASN A 36 8.54 2.71 -0.84
C ASN A 36 8.22 2.77 0.64
N LYS A 37 6.93 2.74 0.98
CA LYS A 37 6.49 2.79 2.37
C LYS A 37 6.82 1.49 3.09
N ARG A 38 6.78 0.38 2.34
CA ARG A 38 7.08 -0.93 2.90
C ARG A 38 8.58 -1.17 2.99
N ALA A 39 9.33 -0.53 2.10
CA ALA A 39 10.78 -0.67 2.07
C ALA A 39 11.43 -0.01 3.28
N LYS A 40 11.37 1.32 3.32
CA LYS A 40 11.93 2.09 4.42
C LYS A 40 11.22 1.77 5.72
N ILE A 41 9.89 1.75 5.69
CA ILE A 41 9.09 1.46 6.87
C ILE A 41 9.28 2.55 7.94
N LYS A 42 8.32 3.47 8.01
CA LYS A 42 8.37 4.56 8.98
C LYS A 42 9.73 5.22 9.02
N LYS A 43 9.94 6.09 10.00
CA LYS A 43 11.20 6.79 10.15
C LYS A 43 11.79 6.55 11.53
N SER A 44 10.94 6.59 12.56
CA SER A 44 11.39 6.38 13.93
C SER A 44 12.38 7.45 14.36
N ALA A 1 2.12 -25.27 9.43
CA ALA A 1 3.35 -24.60 8.93
C ALA A 1 2.99 -23.36 8.11
N LYS A 2 3.76 -22.29 8.31
CA LYS A 2 3.53 -21.04 7.59
C LYS A 2 2.13 -20.49 7.88
N ARG A 3 1.74 -19.47 7.15
CA ARG A 3 0.42 -18.86 7.32
C ARG A 3 0.06 -17.99 6.12
N GLU A 4 1.03 -17.20 5.65
CA GLU A 4 0.81 -16.32 4.51
C GLU A 4 -0.26 -15.27 4.84
N PHE A 5 -0.46 -14.35 3.90
CA PHE A 5 -1.45 -13.29 4.10
C PHE A 5 -1.87 -12.69 2.76
N ASN A 6 -2.68 -11.63 2.81
CA ASN A 6 -3.16 -10.97 1.61
C ASN A 6 -2.05 -10.15 0.96
N GLU A 7 -1.43 -10.71 -0.07
CA GLU A 7 -0.35 -10.03 -0.77
C GLU A 7 -0.85 -8.71 -1.37
N ASN A 8 -0.78 -7.65 -0.58
CA ASN A 8 -1.24 -6.34 -1.02
C ASN A 8 -2.67 -6.41 -1.52
N ARG A 9 -3.60 -6.46 -0.58
CA ARG A 9 -5.02 -6.54 -0.88
C ARG A 9 -5.84 -6.02 0.29
N TYR A 10 -5.76 -6.73 1.41
CA TYR A 10 -6.47 -6.38 2.64
C TYR A 10 -6.60 -4.87 2.82
N LEU A 11 -5.49 -4.15 2.63
CA LEU A 11 -5.48 -2.70 2.79
C LEU A 11 -4.99 -2.01 1.51
N THR A 12 -4.31 -2.77 0.66
CA THR A 12 -3.78 -2.22 -0.58
C THR A 12 -4.89 -1.55 -1.41
N GLU A 13 -5.67 -2.37 -2.11
CA GLU A 13 -6.76 -1.86 -2.96
C GLU A 13 -7.65 -0.88 -2.20
N ARG A 14 -7.83 -1.11 -0.91
CA ARG A 14 -8.67 -0.25 -0.08
C ARG A 14 -8.05 1.13 0.10
N ARG A 15 -6.77 1.16 0.47
CA ARG A 15 -6.08 2.44 0.68
C ARG A 15 -5.62 3.05 -0.65
N ARG A 16 -5.33 2.20 -1.62
CA ARG A 16 -4.88 2.66 -2.93
C ARG A 16 -5.95 3.49 -3.62
N GLN A 17 -7.20 3.04 -3.55
CA GLN A 17 -8.30 3.74 -4.17
C GLN A 17 -8.53 5.10 -3.51
N GLN A 18 -8.48 5.12 -2.18
CA GLN A 18 -8.69 6.34 -1.44
C GLN A 18 -7.46 7.26 -1.51
N LEU A 19 -6.28 6.67 -1.42
CA LEU A 19 -5.04 7.44 -1.47
C LEU A 19 -4.88 8.12 -2.83
N SER A 20 -5.29 7.43 -3.89
CA SER A 20 -5.19 7.97 -5.24
C SER A 20 -6.01 9.26 -5.36
N SER A 21 -7.26 9.20 -4.92
CA SER A 21 -8.16 10.36 -4.98
C SER A 21 -7.70 11.45 -4.03
N GLU A 22 -7.23 11.06 -2.84
CA GLU A 22 -6.77 12.01 -1.83
C GLU A 22 -5.53 12.76 -2.30
N LEU A 23 -4.54 12.01 -2.78
CA LEU A 23 -3.29 12.61 -3.24
C LEU A 23 -3.40 13.07 -4.69
N GLY A 24 -4.36 12.52 -5.42
CA GLY A 24 -4.55 12.89 -6.80
C GLY A 24 -3.45 12.36 -7.71
N LEU A 25 -2.89 11.21 -7.34
CA LEU A 25 -1.83 10.60 -8.11
C LEU A 25 -2.32 9.32 -8.80
N ASN A 26 -1.56 8.87 -9.79
CA ASN A 26 -1.90 7.66 -10.53
C ASN A 26 -1.42 6.41 -9.79
N GLU A 27 -2.17 5.33 -9.94
CA GLU A 27 -1.81 4.06 -9.29
C GLU A 27 -0.37 3.68 -9.59
N ALA A 28 0.11 4.12 -10.76
CA ALA A 28 1.49 3.83 -11.16
C ALA A 28 2.45 4.40 -10.12
N GLN A 29 2.06 5.52 -9.53
CA GLN A 29 2.85 6.16 -8.49
C GLN A 29 2.60 5.45 -7.16
N ILE A 30 1.41 4.88 -7.05
CA ILE A 30 0.99 4.16 -5.85
C ILE A 30 1.84 2.91 -5.65
N LYS A 31 2.17 2.21 -6.73
CA LYS A 31 2.99 1.01 -6.64
C LYS A 31 4.31 1.33 -5.98
N ILE A 32 4.96 2.39 -6.47
CA ILE A 32 6.23 2.85 -5.94
C ILE A 32 6.02 3.43 -4.55
N TRP A 33 4.96 4.20 -4.43
CA TRP A 33 4.59 4.86 -3.18
C TRP A 33 4.44 3.84 -2.07
N PHE A 34 3.66 2.80 -2.35
CA PHE A 34 3.45 1.73 -1.38
C PHE A 34 4.70 0.92 -1.15
N GLN A 35 5.38 0.61 -2.23
CA GLN A 35 6.61 -0.16 -2.14
C GLN A 35 7.66 0.60 -1.35
N ASN A 36 7.62 1.94 -1.44
CA ASN A 36 8.56 2.78 -0.72
C ASN A 36 8.14 2.94 0.74
N LYS A 37 6.83 2.92 0.97
CA LYS A 37 6.31 3.06 2.32
C LYS A 37 6.83 1.96 3.24
N ARG A 38 6.94 0.75 2.70
CA ARG A 38 7.43 -0.39 3.47
C ARG A 38 8.76 -0.89 2.90
N ALA A 39 9.85 -0.48 3.52
CA ALA A 39 11.18 -0.88 3.09
C ALA A 39 12.23 -0.51 4.13
N LYS A 40 11.84 -0.54 5.39
CA LYS A 40 12.74 -0.20 6.48
C LYS A 40 12.74 -1.29 7.55
N ILE A 41 12.53 -2.53 7.12
CA ILE A 41 12.50 -3.66 8.03
C ILE A 41 13.30 -4.84 7.48
N LYS A 42 14.62 -4.77 7.59
CA LYS A 42 15.49 -5.82 7.10
C LYS A 42 15.30 -6.03 5.60
N LYS A 43 16.19 -6.82 5.00
CA LYS A 43 16.12 -7.10 3.57
C LYS A 43 16.21 -8.60 3.31
N SER A 44 15.29 -9.36 3.90
CA SER A 44 15.27 -10.81 3.73
C SER A 44 13.85 -11.29 3.41
N ALA A 1 2.55 -20.62 13.61
CA ALA A 1 1.25 -21.04 14.19
C ALA A 1 0.12 -20.86 13.18
N LYS A 2 0.46 -20.96 11.90
CA LYS A 2 -0.53 -20.80 10.84
C LYS A 2 -1.19 -19.43 10.91
N ARG A 3 -0.49 -18.42 10.42
CA ARG A 3 -1.01 -17.05 10.42
C ARG A 3 -1.93 -16.81 9.23
N GLU A 4 -1.34 -16.80 8.03
CA GLU A 4 -2.11 -16.58 6.81
C GLU A 4 -2.84 -15.24 6.86
N PHE A 5 -2.17 -14.19 6.38
CA PHE A 5 -2.76 -12.85 6.38
C PHE A 5 -3.02 -12.38 4.95
N ASN A 6 -3.45 -11.13 4.82
CA ASN A 6 -3.74 -10.55 3.51
C ASN A 6 -2.50 -9.90 2.89
N GLU A 7 -1.85 -10.62 1.99
CA GLU A 7 -0.66 -10.11 1.33
C GLU A 7 -1.00 -8.92 0.45
N ASN A 8 -1.10 -7.75 1.07
CA ASN A 8 -1.45 -6.53 0.35
C ASN A 8 -2.81 -6.66 -0.29
N ARG A 9 -3.83 -6.53 0.54
CA ARG A 9 -5.22 -6.63 0.10
C ARG A 9 -6.15 -5.98 1.13
N TYR A 10 -6.03 -6.44 2.37
CA TYR A 10 -6.83 -5.92 3.47
C TYR A 10 -6.96 -4.39 3.41
N LEU A 11 -5.84 -3.72 3.20
CA LEU A 11 -5.82 -2.26 3.13
C LEU A 11 -5.26 -1.78 1.80
N THR A 12 -4.52 -2.63 1.11
CA THR A 12 -3.92 -2.29 -0.17
C THR A 12 -4.95 -1.65 -1.11
N GLU A 13 -5.75 -2.50 -1.75
CA GLU A 13 -6.77 -2.03 -2.68
C GLU A 13 -7.71 -1.02 -2.03
N ARG A 14 -7.97 -1.20 -0.74
CA ARG A 14 -8.88 -0.32 -0.01
C ARG A 14 -8.32 1.10 0.07
N ARG A 15 -7.05 1.21 0.47
CA ARG A 15 -6.40 2.52 0.59
C ARG A 15 -5.93 3.03 -0.76
N ARG A 16 -5.68 2.13 -1.70
CA ARG A 16 -5.21 2.51 -3.02
C ARG A 16 -6.23 3.38 -3.73
N GLN A 17 -7.51 3.02 -3.61
CA GLN A 17 -8.59 3.77 -4.25
C GLN A 17 -8.74 5.15 -3.63
N GLN A 18 -8.72 5.19 -2.30
CA GLN A 18 -8.86 6.44 -1.57
C GLN A 18 -7.59 7.29 -1.63
N LEU A 19 -6.44 6.63 -1.58
CA LEU A 19 -5.16 7.34 -1.63
C LEU A 19 -4.98 8.07 -2.94
N SER A 20 -5.37 7.42 -4.04
CA SER A 20 -5.25 8.01 -5.36
C SER A 20 -6.01 9.33 -5.42
N SER A 21 -7.27 9.31 -4.98
CA SER A 21 -8.11 10.50 -4.99
C SER A 21 -7.61 11.55 -3.99
N GLU A 22 -7.18 11.09 -2.83
CA GLU A 22 -6.69 11.99 -1.78
C GLU A 22 -5.41 12.70 -2.21
N LEU A 23 -4.45 11.92 -2.70
CA LEU A 23 -3.17 12.48 -3.13
C LEU A 23 -3.25 13.00 -4.56
N GLY A 24 -4.23 12.53 -5.32
CA GLY A 24 -4.39 12.96 -6.69
C GLY A 24 -3.32 12.41 -7.60
N LEU A 25 -2.78 11.25 -7.25
CA LEU A 25 -1.74 10.61 -8.05
C LEU A 25 -2.27 9.35 -8.72
N ASN A 26 -1.54 8.88 -9.73
CA ASN A 26 -1.94 7.68 -10.46
C ASN A 26 -1.41 6.43 -9.76
N GLU A 27 -2.08 5.31 -10.00
CA GLU A 27 -1.71 4.03 -9.39
C GLU A 27 -0.25 3.69 -9.67
N ALA A 28 0.25 4.16 -10.81
CA ALA A 28 1.64 3.91 -11.18
C ALA A 28 2.58 4.46 -10.12
N GLN A 29 2.16 5.58 -9.52
CA GLN A 29 2.93 6.21 -8.45
C GLN A 29 2.64 5.48 -7.15
N ILE A 30 1.45 4.91 -7.08
CA ILE A 30 1.00 4.17 -5.90
C ILE A 30 1.85 2.91 -5.69
N LYS A 31 2.20 2.23 -6.78
CA LYS A 31 3.02 1.03 -6.69
C LYS A 31 4.33 1.35 -5.98
N ILE A 32 4.98 2.41 -6.43
CA ILE A 32 6.23 2.87 -5.85
C ILE A 32 5.97 3.42 -4.45
N TRP A 33 4.87 4.13 -4.34
CA TRP A 33 4.46 4.75 -3.09
C TRP A 33 4.30 3.71 -1.99
N PHE A 34 3.56 2.66 -2.31
CA PHE A 34 3.34 1.59 -1.35
C PHE A 34 4.60 0.79 -1.10
N GLN A 35 5.32 0.49 -2.17
CA GLN A 35 6.56 -0.25 -2.05
C GLN A 35 7.64 0.57 -1.36
N ASN A 36 7.59 1.89 -1.54
CA ASN A 36 8.58 2.78 -0.93
C ASN A 36 8.31 2.96 0.56
N LYS A 37 7.03 2.99 0.92
CA LYS A 37 6.65 3.17 2.32
C LYS A 37 7.26 2.08 3.20
N ARG A 38 7.42 0.89 2.63
CA ARG A 38 7.99 -0.24 3.35
C ARG A 38 9.48 -0.41 3.03
N ALA A 39 10.08 0.61 2.44
CA ALA A 39 11.49 0.57 2.08
C ALA A 39 12.37 0.37 3.31
N LYS A 40 12.25 1.26 4.28
CA LYS A 40 13.03 1.18 5.50
C LYS A 40 12.16 1.38 6.73
N ILE A 41 11.33 2.42 6.70
CA ILE A 41 10.45 2.72 7.82
C ILE A 41 11.23 3.01 9.08
N LYS A 42 11.62 4.26 9.26
CA LYS A 42 12.40 4.67 10.43
C LYS A 42 12.16 6.15 10.76
N LYS A 43 12.60 6.55 11.94
CA LYS A 43 12.45 7.94 12.37
C LYS A 43 13.74 8.72 12.19
N SER A 44 14.52 8.34 11.18
CA SER A 44 15.79 9.00 10.90
C SER A 44 15.61 10.13 9.90
N ALA A 1 5.14 -22.85 13.15
CA ALA A 1 5.02 -22.15 11.84
C ALA A 1 5.01 -20.63 12.02
N LYS A 2 4.99 -19.91 10.91
CA LYS A 2 4.99 -18.45 10.94
C LYS A 2 3.86 -17.90 10.07
N ARG A 3 2.85 -17.32 10.71
CA ARG A 3 1.72 -16.75 10.01
C ARG A 3 2.16 -15.56 9.16
N GLU A 4 1.64 -15.48 7.93
CA GLU A 4 1.98 -14.41 7.02
C GLU A 4 0.85 -13.38 6.97
N PHE A 5 1.22 -12.10 7.07
CA PHE A 5 0.25 -11.01 7.04
C PHE A 5 -0.22 -10.74 5.61
N ASN A 6 -1.05 -9.71 5.45
CA ASN A 6 -1.57 -9.34 4.14
C ASN A 6 -0.55 -8.50 3.37
N GLU A 7 0.19 -9.14 2.48
CA GLU A 7 1.19 -8.44 1.68
C GLU A 7 0.51 -7.56 0.64
N ASN A 8 0.14 -6.36 1.05
CA ASN A 8 -0.54 -5.42 0.17
C ASN A 8 -1.88 -5.99 -0.29
N ARG A 9 -2.85 -5.90 0.58
CA ARG A 9 -4.20 -6.40 0.32
C ARG A 9 -5.20 -5.79 1.29
N TYR A 10 -4.98 -6.03 2.57
CA TYR A 10 -5.84 -5.53 3.64
C TYR A 10 -6.28 -4.09 3.38
N LEU A 11 -5.33 -3.23 3.02
CA LEU A 11 -5.63 -1.82 2.76
C LEU A 11 -5.21 -1.38 1.36
N THR A 12 -4.42 -2.21 0.68
CA THR A 12 -3.95 -1.89 -0.65
C THR A 12 -5.09 -1.38 -1.55
N GLU A 13 -5.86 -2.32 -2.09
CA GLU A 13 -6.97 -1.98 -2.99
C GLU A 13 -8.00 -1.06 -2.33
N ARG A 14 -8.29 -1.31 -1.06
CA ARG A 14 -9.28 -0.50 -0.34
C ARG A 14 -8.81 0.94 -0.16
N ARG A 15 -7.57 1.10 0.30
CA ARG A 15 -7.00 2.42 0.52
C ARG A 15 -6.50 3.04 -0.77
N ARG A 16 -6.21 2.20 -1.76
CA ARG A 16 -5.70 2.68 -3.05
C ARG A 16 -6.67 3.68 -3.68
N GLN A 17 -7.96 3.39 -3.57
CA GLN A 17 -8.99 4.25 -4.13
C GLN A 17 -8.98 5.62 -3.46
N GLN A 18 -8.90 5.63 -2.15
CA GLN A 18 -8.88 6.88 -1.39
C GLN A 18 -7.53 7.58 -1.48
N LEU A 19 -6.45 6.80 -1.37
CA LEU A 19 -5.11 7.37 -1.44
C LEU A 19 -4.84 7.99 -2.80
N SER A 20 -5.30 7.32 -3.85
CA SER A 20 -5.10 7.83 -5.21
C SER A 20 -5.86 9.13 -5.40
N SER A 21 -7.14 9.14 -5.04
CA SER A 21 -7.98 10.33 -5.17
C SER A 21 -7.55 11.44 -4.21
N GLU A 22 -7.22 11.06 -2.99
CA GLU A 22 -6.81 12.02 -1.97
C GLU A 22 -5.51 12.71 -2.35
N LEU A 23 -4.53 11.93 -2.78
CA LEU A 23 -3.23 12.47 -3.17
C LEU A 23 -3.24 12.94 -4.61
N GLY A 24 -4.23 12.51 -5.39
CA GLY A 24 -4.31 12.90 -6.77
C GLY A 24 -3.24 12.26 -7.62
N LEU A 25 -2.80 11.07 -7.21
CA LEU A 25 -1.76 10.34 -7.94
C LEU A 25 -2.32 9.08 -8.56
N ASN A 26 -1.65 8.58 -9.58
CA ASN A 26 -2.07 7.36 -10.27
C ASN A 26 -1.50 6.13 -9.57
N GLU A 27 -2.16 5.00 -9.75
CA GLU A 27 -1.72 3.75 -9.15
C GLU A 27 -0.25 3.49 -9.46
N ALA A 28 0.18 4.00 -10.61
CA ALA A 28 1.57 3.84 -11.03
C ALA A 28 2.50 4.45 -9.98
N GLN A 29 2.04 5.55 -9.38
CA GLN A 29 2.78 6.22 -8.33
C GLN A 29 2.59 5.46 -7.02
N ILE A 30 1.43 4.80 -6.92
CA ILE A 30 1.07 4.03 -5.74
C ILE A 30 2.01 2.85 -5.56
N LYS A 31 2.37 2.20 -6.67
CA LYS A 31 3.28 1.05 -6.60
C LYS A 31 4.59 1.46 -5.95
N ILE A 32 5.15 2.56 -6.44
CA ILE A 32 6.40 3.10 -5.91
C ILE A 32 6.16 3.63 -4.50
N TRP A 33 5.05 4.31 -4.34
CA TRP A 33 4.64 4.91 -3.08
C TRP A 33 4.56 3.85 -2.00
N PHE A 34 3.84 2.79 -2.29
CA PHE A 34 3.68 1.70 -1.35
C PHE A 34 4.97 0.93 -1.15
N GLN A 35 5.67 0.67 -2.24
CA GLN A 35 6.92 -0.05 -2.18
C GLN A 35 8.00 0.79 -1.48
N ASN A 36 7.89 2.11 -1.62
CA ASN A 36 8.86 3.01 -1.00
C ASN A 36 8.63 3.12 0.50
N LYS A 37 7.37 2.93 0.92
CA LYS A 37 7.02 3.01 2.33
C LYS A 37 7.54 1.80 3.09
N ARG A 38 7.66 0.67 2.39
CA ARG A 38 8.15 -0.56 3.01
C ARG A 38 9.68 -0.63 3.00
N ALA A 39 10.32 0.47 2.60
CA ALA A 39 11.78 0.53 2.55
C ALA A 39 12.36 0.85 3.92
N LYS A 40 11.60 1.58 4.73
CA LYS A 40 12.05 1.96 6.06
C LYS A 40 11.60 0.93 7.10
N ILE A 41 10.40 0.39 6.91
CA ILE A 41 9.85 -0.61 7.83
C ILE A 41 9.89 -0.11 9.27
N LYS A 42 8.78 0.43 9.74
CA LYS A 42 8.70 0.94 11.10
C LYS A 42 8.96 -0.17 12.11
N LYS A 43 9.82 0.13 13.08
CA LYS A 43 10.16 -0.85 14.12
C LYS A 43 10.47 -0.15 15.44
N SER A 44 11.37 0.82 15.39
CA SER A 44 11.77 1.57 16.58
C SER A 44 10.57 2.26 17.21
N ALA A 1 2.83 -25.72 7.05
CA ALA A 1 1.57 -24.95 6.87
C ALA A 1 1.85 -23.57 6.28
N LYS A 2 1.22 -23.28 5.14
CA LYS A 2 1.39 -22.00 4.47
C LYS A 2 0.29 -21.02 4.86
N ARG A 3 0.68 -19.83 5.29
CA ARG A 3 -0.27 -18.81 5.69
C ARG A 3 -0.88 -18.12 4.47
N GLU A 4 -0.03 -17.66 3.57
CA GLU A 4 -0.47 -16.98 2.36
C GLU A 4 -1.26 -15.71 2.69
N PHE A 5 -0.54 -14.66 3.07
CA PHE A 5 -1.16 -13.40 3.42
C PHE A 5 -1.36 -12.52 2.19
N ASN A 6 -1.85 -11.31 2.40
CA ASN A 6 -2.08 -10.38 1.30
C ASN A 6 -0.96 -9.35 1.22
N GLU A 7 -0.02 -9.57 0.31
CA GLU A 7 1.10 -8.66 0.13
C GLU A 7 0.58 -7.25 -0.13
N ASN A 8 -0.37 -7.14 -1.04
CA ASN A 8 -0.98 -5.86 -1.38
C ASN A 8 -2.40 -6.07 -1.88
N ARG A 9 -3.31 -6.20 -0.94
CA ARG A 9 -4.73 -6.42 -1.25
C ARG A 9 -5.61 -5.99 -0.09
N TYR A 10 -5.49 -6.72 1.03
CA TYR A 10 -6.26 -6.45 2.24
C TYR A 10 -6.51 -4.95 2.46
N LEU A 11 -5.44 -4.16 2.35
CA LEU A 11 -5.55 -2.72 2.55
C LEU A 11 -5.08 -1.94 1.32
N THR A 12 -4.32 -2.61 0.45
CA THR A 12 -3.81 -1.98 -0.76
C THR A 12 -4.96 -1.40 -1.60
N GLU A 13 -5.77 -2.28 -2.17
CA GLU A 13 -6.88 -1.87 -3.01
C GLU A 13 -7.83 -0.92 -2.28
N ARG A 14 -8.06 -1.20 -1.00
CA ARG A 14 -8.96 -0.38 -0.19
C ARG A 14 -8.41 1.04 -0.01
N ARG A 15 -7.12 1.13 0.33
CA ARG A 15 -6.49 2.42 0.53
C ARG A 15 -6.09 3.06 -0.79
N ARG A 16 -5.92 2.24 -1.83
CA ARG A 16 -5.54 2.74 -3.14
C ARG A 16 -6.57 3.71 -3.69
N GLN A 17 -7.85 3.39 -3.49
CA GLN A 17 -8.93 4.23 -3.97
C GLN A 17 -8.90 5.60 -3.29
N GLN A 18 -8.73 5.59 -1.97
CA GLN A 18 -8.69 6.83 -1.20
C GLN A 18 -7.36 7.56 -1.37
N LEU A 19 -6.26 6.81 -1.34
CA LEU A 19 -4.94 7.41 -1.49
C LEU A 19 -4.77 8.03 -2.87
N SER A 20 -5.28 7.36 -3.89
CA SER A 20 -5.19 7.86 -5.25
C SER A 20 -6.00 9.14 -5.41
N SER A 21 -7.26 9.10 -4.96
CA SER A 21 -8.14 10.26 -5.05
C SER A 21 -7.69 11.38 -4.13
N GLU A 22 -7.32 11.03 -2.90
CA GLU A 22 -6.88 12.03 -1.92
C GLU A 22 -5.59 12.72 -2.36
N LEU A 23 -4.63 11.94 -2.83
CA LEU A 23 -3.36 12.49 -3.28
C LEU A 23 -3.43 12.95 -4.73
N GLY A 24 -4.42 12.43 -5.47
CA GLY A 24 -4.57 12.80 -6.86
C GLY A 24 -3.49 12.21 -7.74
N LEU A 25 -2.93 11.08 -7.33
CA LEU A 25 -1.88 10.42 -8.09
C LEU A 25 -2.38 9.13 -8.71
N ASN A 26 -1.67 8.64 -9.72
CA ASN A 26 -2.05 7.42 -10.40
C ASN A 26 -1.46 6.20 -9.67
N GLU A 27 -2.09 5.04 -9.87
CA GLU A 27 -1.64 3.81 -9.24
C GLU A 27 -0.17 3.53 -9.53
N ALA A 28 0.29 4.00 -10.68
CA ALA A 28 1.69 3.80 -11.07
C ALA A 28 2.60 4.43 -10.02
N GLN A 29 2.14 5.53 -9.44
CA GLN A 29 2.87 6.21 -8.39
C GLN A 29 2.65 5.49 -7.07
N ILE A 30 1.49 4.85 -6.98
CA ILE A 30 1.10 4.11 -5.78
C ILE A 30 2.01 2.90 -5.57
N LYS A 31 2.39 2.24 -6.66
CA LYS A 31 3.27 1.07 -6.57
C LYS A 31 4.58 1.46 -5.89
N ILE A 32 5.16 2.55 -6.38
CA ILE A 32 6.40 3.07 -5.82
C ILE A 32 6.16 3.63 -4.42
N TRP A 33 5.04 4.32 -4.30
CA TRP A 33 4.62 4.93 -3.05
C TRP A 33 4.51 3.88 -1.96
N PHE A 34 3.78 2.82 -2.26
CA PHE A 34 3.61 1.72 -1.32
C PHE A 34 4.89 0.96 -1.13
N GLN A 35 5.56 0.68 -2.23
CA GLN A 35 6.80 -0.04 -2.19
C GLN A 35 7.87 0.76 -1.44
N ASN A 36 7.77 2.09 -1.53
CA ASN A 36 8.72 2.96 -0.86
C ASN A 36 8.47 2.98 0.65
N LYS A 37 7.20 2.92 1.04
CA LYS A 37 6.83 2.92 2.44
C LYS A 37 7.25 1.62 3.12
N ARG A 38 7.29 0.53 2.35
CA ARG A 38 7.68 -0.77 2.88
C ARG A 38 9.18 -0.99 2.73
N ALA A 39 9.92 0.07 2.43
CA ALA A 39 11.37 -0.03 2.26
C ALA A 39 12.09 0.41 3.53
N LYS A 40 11.43 0.27 4.67
CA LYS A 40 12.01 0.66 5.95
C LYS A 40 12.32 -0.57 6.80
N ILE A 41 12.68 -1.67 6.14
CA ILE A 41 13.00 -2.91 6.83
C ILE A 41 14.46 -3.28 6.64
N LYS A 42 15.35 -2.58 7.33
CA LYS A 42 16.78 -2.84 7.23
C LYS A 42 17.11 -4.27 7.66
N LYS A 43 18.39 -4.62 7.60
CA LYS A 43 18.84 -5.95 7.99
C LYS A 43 20.16 -5.89 8.74
N SER A 44 20.55 -7.01 9.33
CA SER A 44 21.80 -7.09 10.08
C SER A 44 23.00 -6.85 9.17
N ALA A 1 2.69 -20.82 2.98
CA ALA A 1 1.21 -20.67 2.98
C ALA A 1 0.79 -19.41 3.74
N LYS A 2 0.28 -18.42 3.01
CA LYS A 2 -0.17 -17.17 3.62
C LYS A 2 -1.36 -17.41 4.55
N ARG A 3 -1.60 -16.46 5.43
CA ARG A 3 -2.71 -16.55 6.37
C ARG A 3 -2.93 -15.24 7.11
N GLU A 4 -3.87 -15.24 8.05
CA GLU A 4 -4.18 -14.04 8.83
C GLU A 4 -4.68 -12.92 7.93
N PHE A 5 -5.98 -12.64 8.01
CA PHE A 5 -6.61 -11.59 7.22
C PHE A 5 -6.16 -11.65 5.75
N ASN A 6 -6.56 -10.65 4.98
CA ASN A 6 -6.22 -10.59 3.56
C ASN A 6 -4.94 -9.77 3.36
N GLU A 7 -3.83 -10.48 3.16
CA GLU A 7 -2.54 -9.84 2.96
C GLU A 7 -2.57 -8.86 1.78
N ASN A 8 -1.97 -7.69 1.97
CA ASN A 8 -1.93 -6.67 0.94
C ASN A 8 -3.28 -6.49 0.26
N ARG A 9 -4.30 -6.59 1.07
CA ARG A 9 -5.68 -6.45 0.61
C ARG A 9 -6.49 -5.63 1.61
N TYR A 10 -6.39 -6.01 2.88
CA TYR A 10 -7.08 -5.32 3.97
C TYR A 10 -7.01 -3.80 3.82
N LEU A 11 -5.81 -3.30 3.52
CA LEU A 11 -5.62 -1.87 3.38
C LEU A 11 -5.12 -1.51 1.98
N THR A 12 -4.41 -2.45 1.36
CA THR A 12 -3.86 -2.24 0.02
C THR A 12 -4.88 -1.59 -0.92
N GLU A 13 -5.75 -2.41 -1.50
CA GLU A 13 -6.76 -1.93 -2.44
C GLU A 13 -7.73 -0.93 -1.78
N ARG A 14 -8.01 -1.15 -0.50
CA ARG A 14 -8.93 -0.27 0.22
C ARG A 14 -8.39 1.15 0.29
N ARG A 15 -7.13 1.27 0.66
CA ARG A 15 -6.48 2.58 0.77
C ARG A 15 -6.03 3.09 -0.60
N ARG A 16 -5.82 2.17 -1.54
CA ARG A 16 -5.38 2.54 -2.88
C ARG A 16 -6.41 3.43 -3.57
N GLN A 17 -7.67 3.08 -3.44
CA GLN A 17 -8.75 3.84 -4.05
C GLN A 17 -8.84 5.24 -3.47
N GLN A 18 -8.77 5.33 -2.15
CA GLN A 18 -8.84 6.62 -1.47
C GLN A 18 -7.55 7.41 -1.59
N LEU A 19 -6.41 6.71 -1.52
CA LEU A 19 -5.12 7.36 -1.62
C LEU A 19 -4.92 7.99 -2.99
N SER A 20 -5.41 7.31 -4.02
CA SER A 20 -5.30 7.83 -5.38
C SER A 20 -6.05 9.15 -5.52
N SER A 21 -7.32 9.15 -5.14
CA SER A 21 -8.15 10.34 -5.21
C SER A 21 -7.70 11.40 -4.21
N GLU A 22 -7.30 10.97 -3.02
CA GLU A 22 -6.86 11.88 -1.98
C GLU A 22 -5.56 12.59 -2.37
N LEU A 23 -4.59 11.82 -2.83
CA LEU A 23 -3.30 12.38 -3.22
C LEU A 23 -3.34 12.89 -4.66
N GLY A 24 -4.30 12.40 -5.44
CA GLY A 24 -4.42 12.82 -6.83
C GLY A 24 -3.32 12.25 -7.71
N LEU A 25 -2.72 11.15 -7.28
CA LEU A 25 -1.65 10.51 -8.04
C LEU A 25 -2.16 9.26 -8.73
N ASN A 26 -1.45 8.82 -9.76
CA ASN A 26 -1.82 7.63 -10.50
C ASN A 26 -1.30 6.38 -9.79
N GLU A 27 -1.98 5.25 -10.02
CA GLU A 27 -1.59 3.99 -9.41
C GLU A 27 -0.12 3.70 -9.67
N ALA A 28 0.37 4.20 -10.80
CA ALA A 28 1.77 4.00 -11.17
C ALA A 28 2.67 4.57 -10.09
N GLN A 29 2.22 5.68 -9.50
CA GLN A 29 2.94 6.32 -8.41
C GLN A 29 2.66 5.58 -7.11
N ILE A 30 1.50 4.95 -7.06
CA ILE A 30 1.07 4.19 -5.90
C ILE A 30 1.97 2.97 -5.69
N LYS A 31 2.36 2.31 -6.78
CA LYS A 31 3.23 1.15 -6.69
C LYS A 31 4.53 1.52 -5.98
N ILE A 32 5.13 2.61 -6.44
CA ILE A 32 6.37 3.12 -5.86
C ILE A 32 6.10 3.66 -4.46
N TRP A 33 5.00 4.38 -4.36
CA TRP A 33 4.57 4.99 -3.11
C TRP A 33 4.41 3.93 -2.03
N PHE A 34 3.67 2.88 -2.36
CA PHE A 34 3.45 1.78 -1.42
C PHE A 34 4.73 0.99 -1.18
N GLN A 35 5.46 0.73 -2.25
CA GLN A 35 6.69 -0.01 -2.14
C GLN A 35 7.73 0.79 -1.36
N ASN A 36 7.65 2.11 -1.46
CA ASN A 36 8.58 2.99 -0.76
C ASN A 36 8.33 2.94 0.74
N LYS A 37 7.06 2.87 1.12
CA LYS A 37 6.70 2.82 2.54
C LYS A 37 7.24 1.54 3.19
N ARG A 38 7.18 0.44 2.45
CA ARG A 38 7.66 -0.84 2.95
C ARG A 38 8.66 -1.47 1.98
N ALA A 39 9.94 -1.34 2.29
CA ALA A 39 11.00 -1.89 1.44
C ALA A 39 12.33 -1.91 2.17
N LYS A 40 12.68 -0.77 2.78
CA LYS A 40 13.93 -0.66 3.50
C LYS A 40 13.71 -0.85 5.01
N ILE A 41 12.69 -1.62 5.35
CA ILE A 41 12.37 -1.90 6.74
C ILE A 41 11.92 -3.34 6.94
N LYS A 42 12.89 -4.25 6.98
CA LYS A 42 12.60 -5.67 7.17
C LYS A 42 13.89 -6.48 7.24
N LYS A 43 14.46 -6.56 8.43
CA LYS A 43 15.70 -7.30 8.64
C LYS A 43 15.74 -7.93 10.02
N SER A 44 14.68 -8.64 10.38
CA SER A 44 14.59 -9.29 11.69
C SER A 44 13.50 -10.36 11.70
N ALA A 1 -5.57 -24.59 11.03
CA ALA A 1 -4.37 -24.19 11.80
C ALA A 1 -3.99 -22.74 11.50
N LYS A 2 -3.77 -22.44 10.22
CA LYS A 2 -3.40 -21.10 9.79
C LYS A 2 -4.63 -20.19 9.77
N ARG A 3 -4.44 -18.95 10.22
CA ARG A 3 -5.53 -17.98 10.24
C ARG A 3 -5.73 -17.34 8.87
N GLU A 4 -4.63 -17.16 8.15
CA GLU A 4 -4.67 -16.55 6.82
C GLU A 4 -5.26 -15.15 6.88
N PHE A 5 -5.00 -14.36 5.85
CA PHE A 5 -5.50 -12.99 5.78
C PHE A 5 -5.54 -12.49 4.34
N ASN A 6 -5.97 -11.24 4.17
CA ASN A 6 -6.05 -10.64 2.84
C ASN A 6 -4.69 -10.08 2.42
N GLU A 7 -4.14 -10.62 1.34
CA GLU A 7 -2.85 -10.18 0.84
C GLU A 7 -3.00 -9.01 -0.13
N ASN A 8 -2.67 -7.81 0.35
CA ASN A 8 -2.77 -6.61 -0.47
C ASN A 8 -4.19 -6.36 -0.93
N ARG A 9 -5.11 -6.61 -0.04
CA ARG A 9 -6.53 -6.40 -0.31
C ARG A 9 -7.19 -5.69 0.87
N TYR A 10 -6.88 -6.15 2.07
CA TYR A 10 -7.42 -5.59 3.30
C TYR A 10 -7.24 -4.07 3.34
N LEU A 11 -6.05 -3.60 3.01
CA LEU A 11 -5.76 -2.17 3.04
C LEU A 11 -5.22 -1.68 1.71
N THR A 12 -4.35 -2.47 1.10
CA THR A 12 -3.74 -2.11 -0.18
C THR A 12 -4.78 -1.58 -1.18
N GLU A 13 -5.59 -2.49 -1.71
CA GLU A 13 -6.61 -2.14 -2.69
C GLU A 13 -7.65 -1.17 -2.10
N ARG A 14 -7.99 -1.35 -0.84
CA ARG A 14 -8.98 -0.51 -0.19
C ARG A 14 -8.50 0.93 -0.06
N ARG A 15 -7.29 1.10 0.44
CA ARG A 15 -6.70 2.43 0.62
C ARG A 15 -6.14 2.97 -0.70
N ARG A 16 -5.82 2.07 -1.63
CA ARG A 16 -5.28 2.45 -2.92
C ARG A 16 -6.22 3.39 -3.66
N GLN A 17 -7.51 3.09 -3.57
CA GLN A 17 -8.53 3.92 -4.22
C GLN A 17 -8.67 5.28 -3.55
N GLN A 18 -8.60 5.29 -2.23
CA GLN A 18 -8.72 6.53 -1.47
C GLN A 18 -7.44 7.35 -1.55
N LEU A 19 -6.30 6.67 -1.50
CA LEU A 19 -5.01 7.37 -1.55
C LEU A 19 -4.82 8.07 -2.89
N SER A 20 -5.25 7.42 -3.97
CA SER A 20 -5.13 8.00 -5.30
C SER A 20 -5.90 9.31 -5.40
N SER A 21 -7.16 9.29 -4.95
CA SER A 21 -8.01 10.47 -4.99
C SER A 21 -7.52 11.54 -4.01
N GLU A 22 -7.15 11.12 -2.80
CA GLU A 22 -6.68 12.05 -1.78
C GLU A 22 -5.36 12.72 -2.19
N LEU A 23 -4.43 11.91 -2.68
CA LEU A 23 -3.12 12.43 -3.11
C LEU A 23 -3.17 12.95 -4.54
N GLY A 24 -4.17 12.51 -5.30
CA GLY A 24 -4.30 12.96 -6.67
C GLY A 24 -3.23 12.37 -7.57
N LEU A 25 -2.77 11.17 -7.23
CA LEU A 25 -1.73 10.50 -8.01
C LEU A 25 -2.29 9.25 -8.68
N ASN A 26 -1.57 8.74 -9.67
CA ASN A 26 -1.99 7.54 -10.38
C ASN A 26 -1.48 6.29 -9.67
N GLU A 27 -2.16 5.18 -9.89
CA GLU A 27 -1.77 3.90 -9.27
C GLU A 27 -0.32 3.58 -9.58
N ALA A 28 0.16 4.05 -10.73
CA ALA A 28 1.54 3.82 -11.13
C ALA A 28 2.48 4.39 -10.09
N GLN A 29 2.08 5.53 -9.51
CA GLN A 29 2.85 6.17 -8.47
C GLN A 29 2.62 5.46 -7.15
N ILE A 30 1.44 4.85 -7.04
CA ILE A 30 1.04 4.12 -5.86
C ILE A 30 1.92 2.88 -5.65
N LYS A 31 2.25 2.20 -6.74
CA LYS A 31 3.11 1.01 -6.65
C LYS A 31 4.43 1.37 -5.99
N ILE A 32 5.04 2.44 -6.47
CA ILE A 32 6.30 2.92 -5.92
C ILE A 32 6.06 3.49 -4.53
N TRP A 33 4.96 4.20 -4.41
CA TRP A 33 4.56 4.84 -3.16
C TRP A 33 4.46 3.81 -2.04
N PHE A 34 3.73 2.74 -2.31
CA PHE A 34 3.56 1.67 -1.34
C PHE A 34 4.85 0.91 -1.12
N GLN A 35 5.55 0.63 -2.20
CA GLN A 35 6.81 -0.09 -2.10
C GLN A 35 7.86 0.75 -1.40
N ASN A 36 7.76 2.07 -1.54
CA ASN A 36 8.70 2.98 -0.92
C ASN A 36 8.37 3.18 0.57
N LYS A 37 7.09 3.30 0.86
CA LYS A 37 6.63 3.48 2.24
C LYS A 37 6.97 2.26 3.09
N ARG A 38 6.85 1.08 2.49
CA ARG A 38 7.13 -0.17 3.19
C ARG A 38 8.10 -1.03 2.39
N ALA A 39 9.37 -1.03 2.81
CA ALA A 39 10.40 -1.81 2.13
C ALA A 39 11.41 -2.36 3.14
N LYS A 40 12.00 -1.47 3.92
CA LYS A 40 12.98 -1.86 4.92
C LYS A 40 13.05 -0.84 6.05
N ILE A 41 13.30 0.42 5.69
CA ILE A 41 13.39 1.49 6.67
C ILE A 41 14.48 1.22 7.69
N LYS A 42 15.64 1.84 7.50
CA LYS A 42 16.77 1.65 8.41
C LYS A 42 16.65 2.58 9.62
N LYS A 43 17.44 2.29 10.64
CA LYS A 43 17.42 3.10 11.86
C LYS A 43 18.57 4.11 11.87
N SER A 44 18.95 4.56 10.68
CA SER A 44 20.03 5.54 10.55
C SER A 44 19.50 6.96 10.66
N ALA A 1 1.37 -22.35 13.04
CA ALA A 1 0.65 -21.26 13.73
C ALA A 1 0.43 -20.06 12.81
N LYS A 2 0.39 -20.31 11.50
CA LYS A 2 0.20 -19.24 10.53
C LYS A 2 -1.19 -19.33 9.90
N ARG A 3 -1.67 -18.19 9.41
CA ARG A 3 -2.99 -18.13 8.78
C ARG A 3 -2.95 -17.25 7.53
N GLU A 4 -3.49 -17.77 6.44
CA GLU A 4 -3.52 -17.04 5.17
C GLU A 4 -4.52 -15.90 5.23
N PHE A 5 -4.03 -14.67 5.08
CA PHE A 5 -4.88 -13.49 5.11
C PHE A 5 -5.05 -12.89 3.71
N ASN A 6 -5.71 -11.75 3.65
CA ASN A 6 -5.94 -11.06 2.38
C ASN A 6 -4.63 -10.57 1.77
N GLU A 7 -4.09 -11.35 0.84
CA GLU A 7 -2.85 -10.98 0.17
C GLU A 7 -3.05 -9.69 -0.61
N ASN A 8 -2.89 -8.56 0.07
CA ASN A 8 -3.08 -7.26 -0.54
C ASN A 8 -4.54 -7.09 -0.95
N ARG A 9 -5.33 -6.56 -0.04
CA ARG A 9 -6.75 -6.36 -0.27
C ARG A 9 -7.37 -5.53 0.86
N TYR A 10 -7.24 -6.05 2.07
CA TYR A 10 -7.77 -5.40 3.27
C TYR A 10 -7.49 -3.89 3.25
N LEU A 11 -6.25 -3.53 2.94
CA LEU A 11 -5.86 -2.12 2.88
C LEU A 11 -5.30 -1.75 1.52
N THR A 12 -4.88 -2.76 0.76
CA THR A 12 -4.33 -2.53 -0.56
C THR A 12 -5.30 -1.75 -1.45
N GLU A 13 -6.24 -2.45 -2.05
CA GLU A 13 -7.23 -1.82 -2.94
C GLU A 13 -8.09 -0.81 -2.18
N ARG A 14 -8.36 -1.09 -0.91
CA ARG A 14 -9.18 -0.20 -0.09
C ARG A 14 -8.52 1.16 0.08
N ARG A 15 -7.24 1.15 0.43
CA ARG A 15 -6.50 2.40 0.63
C ARG A 15 -6.04 2.99 -0.69
N ARG A 16 -5.92 2.14 -1.71
CA ARG A 16 -5.49 2.59 -3.03
C ARG A 16 -6.48 3.59 -3.63
N GLN A 17 -7.76 3.29 -3.49
CA GLN A 17 -8.81 4.16 -4.02
C GLN A 17 -8.79 5.51 -3.34
N GLN A 18 -8.64 5.51 -2.01
CA GLN A 18 -8.61 6.74 -1.24
C GLN A 18 -7.29 7.47 -1.40
N LEU A 19 -6.19 6.72 -1.37
CA LEU A 19 -4.87 7.30 -1.53
C LEU A 19 -4.69 7.94 -2.90
N SER A 20 -5.27 7.30 -3.91
CA SER A 20 -5.18 7.82 -5.28
C SER A 20 -5.97 9.11 -5.41
N SER A 21 -7.24 9.08 -4.98
CA SER A 21 -8.09 10.26 -5.06
C SER A 21 -7.63 11.35 -4.09
N GLU A 22 -7.24 10.93 -2.89
CA GLU A 22 -6.78 11.87 -1.87
C GLU A 22 -5.48 12.57 -2.29
N LEU A 23 -4.53 11.77 -2.78
CA LEU A 23 -3.24 12.32 -3.21
C LEU A 23 -3.31 12.84 -4.64
N GLY A 24 -4.30 12.35 -5.39
CA GLY A 24 -4.44 12.79 -6.77
C GLY A 24 -3.38 12.21 -7.68
N LEU A 25 -2.81 11.08 -7.30
CA LEU A 25 -1.77 10.44 -8.10
C LEU A 25 -2.31 9.18 -8.77
N ASN A 26 -1.57 8.70 -9.77
CA ASN A 26 -1.97 7.50 -10.49
C ASN A 26 -1.42 6.26 -9.79
N GLU A 27 -2.08 5.13 -10.01
CA GLU A 27 -1.66 3.87 -9.40
C GLU A 27 -0.19 3.60 -9.68
N ALA A 28 0.29 4.11 -10.81
CA ALA A 28 1.68 3.94 -11.20
C ALA A 28 2.58 4.53 -10.12
N GLN A 29 2.13 5.63 -9.53
CA GLN A 29 2.85 6.29 -8.45
C GLN A 29 2.61 5.52 -7.16
N ILE A 30 1.45 4.88 -7.09
CA ILE A 30 1.05 4.11 -5.93
C ILE A 30 1.96 2.91 -5.73
N LYS A 31 2.35 2.25 -6.83
CA LYS A 31 3.24 1.10 -6.74
C LYS A 31 4.52 1.48 -6.01
N ILE A 32 5.11 2.59 -6.44
CA ILE A 32 6.32 3.11 -5.83
C ILE A 32 6.01 3.62 -4.43
N TRP A 33 4.86 4.25 -4.33
CA TRP A 33 4.38 4.84 -3.08
C TRP A 33 4.31 3.77 -1.99
N PHE A 34 3.68 2.65 -2.32
CA PHE A 34 3.56 1.56 -1.38
C PHE A 34 4.89 0.88 -1.12
N GLN A 35 5.65 0.68 -2.18
CA GLN A 35 6.95 0.05 -2.05
C GLN A 35 7.91 0.95 -1.29
N ASN A 36 7.73 2.27 -1.44
CA ASN A 36 8.58 3.24 -0.77
C ASN A 36 8.41 3.17 0.75
N LYS A 37 7.17 3.04 1.20
CA LYS A 37 6.88 2.96 2.62
C LYS A 37 7.37 1.63 3.20
N ARG A 38 7.38 0.59 2.37
CA ARG A 38 7.83 -0.73 2.80
C ARG A 38 9.35 -0.77 2.93
N ALA A 39 10.02 0.07 2.15
CA ALA A 39 11.48 0.12 2.16
C ALA A 39 12.01 0.44 3.56
N LYS A 40 11.50 1.51 4.15
CA LYS A 40 11.92 1.92 5.48
C LYS A 40 10.94 1.43 6.55
N ILE A 41 10.24 0.34 6.24
CA ILE A 41 9.28 -0.23 7.18
C ILE A 41 9.11 -1.73 6.94
N LYS A 42 9.97 -2.53 7.58
CA LYS A 42 9.92 -3.98 7.44
C LYS A 42 9.29 -4.61 8.67
N LYS A 43 7.97 -4.53 8.77
CA LYS A 43 7.25 -5.11 9.91
C LYS A 43 7.73 -4.50 11.21
N SER A 44 7.07 -4.87 12.31
CA SER A 44 7.43 -4.36 13.63
C SER A 44 8.46 -5.25 14.29
N ALA A 1 -3.35 -17.63 16.40
CA ALA A 1 -2.06 -17.58 15.65
C ALA A 1 -2.31 -17.31 14.18
N LYS A 2 -1.88 -16.14 13.71
CA LYS A 2 -2.06 -15.76 12.31
C LYS A 2 -1.08 -16.51 11.42
N ARG A 3 -1.62 -17.34 10.54
CA ARG A 3 -0.79 -18.12 9.62
C ARG A 3 -0.88 -17.58 8.21
N GLU A 4 -2.09 -17.19 7.80
CA GLU A 4 -2.31 -16.65 6.47
C GLU A 4 -2.86 -15.22 6.55
N PHE A 5 -2.41 -14.36 5.65
CA PHE A 5 -2.85 -12.97 5.64
C PHE A 5 -2.71 -12.36 4.24
N ASN A 6 -3.06 -11.09 4.12
CA ASN A 6 -2.97 -10.38 2.85
C ASN A 6 -1.76 -9.47 2.81
N GLU A 7 -0.72 -9.91 2.10
CA GLU A 7 0.51 -9.13 1.97
C GLU A 7 0.19 -7.73 1.47
N ASN A 8 -0.66 -7.66 0.46
CA ASN A 8 -1.08 -6.39 -0.12
C ASN A 8 -2.46 -6.51 -0.73
N ARG A 9 -3.46 -6.47 0.14
CA ARG A 9 -4.85 -6.59 -0.27
C ARG A 9 -5.78 -6.01 0.79
N TYR A 10 -5.63 -6.50 2.02
CA TYR A 10 -6.43 -6.07 3.15
C TYR A 10 -6.62 -4.55 3.17
N LEU A 11 -5.51 -3.84 3.01
CA LEU A 11 -5.54 -2.38 3.01
C LEU A 11 -5.00 -1.80 1.70
N THR A 12 -4.24 -2.61 0.97
CA THR A 12 -3.67 -2.18 -0.30
C THR A 12 -4.73 -1.59 -1.22
N GLU A 13 -5.56 -2.45 -1.80
CA GLU A 13 -6.60 -2.02 -2.71
C GLU A 13 -7.57 -1.05 -2.02
N ARG A 14 -7.80 -1.27 -0.73
CA ARG A 14 -8.71 -0.42 0.04
C ARG A 14 -8.20 1.01 0.12
N ARG A 15 -6.92 1.15 0.47
CA ARG A 15 -6.31 2.47 0.58
C ARG A 15 -5.91 3.01 -0.79
N ARG A 16 -5.70 2.12 -1.74
CA ARG A 16 -5.31 2.52 -3.09
C ARG A 16 -6.33 3.46 -3.71
N GLN A 17 -7.61 3.17 -3.49
CA GLN A 17 -8.68 4.00 -4.02
C GLN A 17 -8.72 5.36 -3.34
N GLN A 18 -8.54 5.36 -2.01
CA GLN A 18 -8.57 6.59 -1.24
C GLN A 18 -7.28 7.39 -1.40
N LEU A 19 -6.15 6.70 -1.47
CA LEU A 19 -4.86 7.37 -1.61
C LEU A 19 -4.76 8.08 -2.97
N SER A 20 -5.26 7.41 -4.00
CA SER A 20 -5.22 7.98 -5.34
C SER A 20 -6.05 9.27 -5.41
N SER A 21 -7.26 9.20 -4.88
CA SER A 21 -8.16 10.37 -4.88
C SER A 21 -7.66 11.46 -3.94
N GLU A 22 -7.10 11.06 -2.80
CA GLU A 22 -6.60 12.02 -1.81
C GLU A 22 -5.38 12.76 -2.34
N LEU A 23 -4.40 12.02 -2.83
CA LEU A 23 -3.17 12.62 -3.35
C LEU A 23 -3.33 13.05 -4.80
N GLY A 24 -4.32 12.46 -5.47
CA GLY A 24 -4.56 12.79 -6.86
C GLY A 24 -3.50 12.23 -7.79
N LEU A 25 -2.90 11.12 -7.39
CA LEU A 25 -1.86 10.48 -8.20
C LEU A 25 -2.38 9.20 -8.83
N ASN A 26 -1.67 8.73 -9.85
CA ASN A 26 -2.06 7.50 -10.54
C ASN A 26 -1.48 6.29 -9.82
N GLU A 27 -2.12 5.14 -10.02
CA GLU A 27 -1.69 3.89 -9.39
C GLU A 27 -0.22 3.62 -9.66
N ALA A 28 0.27 4.09 -10.79
CA ALA A 28 1.66 3.90 -11.16
C ALA A 28 2.57 4.51 -10.10
N GLN A 29 2.11 5.60 -9.52
CA GLN A 29 2.84 6.28 -8.45
C GLN A 29 2.60 5.54 -7.14
N ILE A 30 1.42 4.92 -7.06
CA ILE A 30 1.02 4.16 -5.88
C ILE A 30 1.92 2.95 -5.67
N LYS A 31 2.30 2.28 -6.76
CA LYS A 31 3.17 1.11 -6.67
C LYS A 31 4.46 1.48 -5.97
N ILE A 32 5.06 2.57 -6.42
CA ILE A 32 6.30 3.08 -5.83
C ILE A 32 6.02 3.61 -4.43
N TRP A 33 4.89 4.31 -4.33
CA TRP A 33 4.44 4.91 -3.09
C TRP A 33 4.35 3.85 -2.00
N PHE A 34 3.68 2.76 -2.32
CA PHE A 34 3.53 1.65 -1.38
C PHE A 34 4.85 0.94 -1.16
N GLN A 35 5.57 0.72 -2.24
CA GLN A 35 6.85 0.06 -2.16
C GLN A 35 7.84 0.89 -1.34
N ASN A 36 7.68 2.20 -1.39
CA ASN A 36 8.55 3.10 -0.63
C ASN A 36 8.26 3.03 0.85
N LYS A 37 6.97 3.00 1.20
CA LYS A 37 6.54 2.93 2.59
C LYS A 37 6.82 1.55 3.17
N ARG A 38 6.74 0.53 2.33
CA ARG A 38 6.99 -0.85 2.76
C ARG A 38 8.48 -1.15 2.82
N ALA A 39 9.31 -0.18 2.46
CA ALA A 39 10.76 -0.36 2.46
C ALA A 39 11.38 0.21 3.74
N LYS A 40 10.59 0.23 4.82
CA LYS A 40 11.06 0.73 6.10
C LYS A 40 11.54 -0.39 7.00
N ILE A 41 10.76 -1.47 7.04
CA ILE A 41 11.10 -2.63 7.87
C ILE A 41 11.20 -2.25 9.34
N LYS A 42 10.06 -2.20 10.02
CA LYS A 42 10.03 -1.84 11.43
C LYS A 42 9.54 -3.01 12.27
N LYS A 43 10.44 -3.96 12.53
CA LYS A 43 10.10 -5.13 13.33
C LYS A 43 10.88 -5.15 14.63
N SER A 44 12.15 -4.75 14.57
CA SER A 44 13.00 -4.71 15.75
C SER A 44 13.76 -3.40 15.82
N ALA A 1 10.88 -18.87 -5.63
CA ALA A 1 10.60 -17.55 -5.01
C ALA A 1 9.40 -17.64 -4.08
N LYS A 2 9.55 -17.06 -2.89
CA LYS A 2 8.48 -17.06 -1.90
C LYS A 2 7.86 -15.68 -1.75
N ARG A 3 6.75 -15.60 -1.03
CA ARG A 3 6.06 -14.34 -0.81
C ARG A 3 5.42 -14.29 0.58
N GLU A 4 5.68 -13.22 1.31
CA GLU A 4 5.13 -13.06 2.65
C GLU A 4 3.77 -12.36 2.60
N PHE A 5 2.72 -13.13 2.89
CA PHE A 5 1.35 -12.61 2.89
C PHE A 5 1.07 -11.78 1.65
N ASN A 6 -0.10 -11.15 1.61
CA ASN A 6 -0.49 -10.31 0.48
C ASN A 6 0.42 -9.10 0.35
N GLU A 7 1.43 -9.21 -0.51
CA GLU A 7 2.35 -8.12 -0.74
C GLU A 7 1.62 -6.93 -1.32
N ASN A 8 1.04 -6.11 -0.46
CA ASN A 8 0.28 -4.95 -0.89
C ASN A 8 -0.98 -5.40 -1.63
N ARG A 9 -2.06 -5.56 -0.87
CA ARG A 9 -3.32 -6.01 -1.43
C ARG A 9 -4.42 -5.93 -0.36
N TYR A 10 -4.28 -6.77 0.66
CA TYR A 10 -5.23 -6.83 1.77
C TYR A 10 -5.82 -5.45 2.09
N LEU A 11 -4.94 -4.45 2.14
CA LEU A 11 -5.36 -3.08 2.43
C LEU A 11 -4.94 -2.14 1.32
N THR A 12 -3.97 -2.55 0.51
CA THR A 12 -3.47 -1.74 -0.59
C THR A 12 -4.62 -1.32 -1.52
N GLU A 13 -5.45 -2.29 -1.91
CA GLU A 13 -6.56 -2.04 -2.81
C GLU A 13 -7.56 -1.05 -2.19
N ARG A 14 -8.02 -1.34 -0.98
CA ARG A 14 -8.99 -0.49 -0.30
C ARG A 14 -8.44 0.92 -0.11
N ARG A 15 -7.17 1.01 0.25
CA ARG A 15 -6.52 2.30 0.46
C ARG A 15 -6.10 2.94 -0.86
N ARG A 16 -5.93 2.11 -1.89
CA ARG A 16 -5.52 2.61 -3.20
C ARG A 16 -6.51 3.63 -3.74
N GLN A 17 -7.80 3.33 -3.58
CA GLN A 17 -8.85 4.23 -4.05
C GLN A 17 -8.82 5.55 -3.30
N GLN A 18 -8.60 5.47 -1.98
CA GLN A 18 -8.56 6.66 -1.14
C GLN A 18 -7.25 7.42 -1.32
N LEU A 19 -6.14 6.70 -1.34
CA LEU A 19 -4.83 7.32 -1.48
C LEU A 19 -4.69 8.01 -2.84
N SER A 20 -5.20 7.37 -3.88
CA SER A 20 -5.13 7.93 -5.22
C SER A 20 -5.95 9.23 -5.31
N SER A 21 -7.16 9.18 -4.76
CA SER A 21 -8.06 10.34 -4.78
C SER A 21 -7.54 11.48 -3.90
N GLU A 22 -7.12 11.14 -2.69
CA GLU A 22 -6.62 12.14 -1.75
C GLU A 22 -5.33 12.80 -2.26
N LEU A 23 -4.41 11.98 -2.75
CA LEU A 23 -3.14 12.49 -3.25
C LEU A 23 -3.26 12.93 -4.70
N GLY A 24 -4.28 12.42 -5.40
CA GLY A 24 -4.47 12.79 -6.79
C GLY A 24 -3.40 12.21 -7.69
N LEU A 25 -2.85 11.07 -7.30
CA LEU A 25 -1.82 10.41 -8.08
C LEU A 25 -2.35 9.14 -8.74
N ASN A 26 -1.62 8.67 -9.74
CA ASN A 26 -2.02 7.46 -10.46
C ASN A 26 -1.48 6.21 -9.75
N GLU A 27 -2.14 5.08 -9.98
CA GLU A 27 -1.72 3.82 -9.37
C GLU A 27 -0.25 3.54 -9.67
N ALA A 28 0.22 4.04 -10.80
CA ALA A 28 1.61 3.85 -11.19
C ALA A 28 2.53 4.44 -10.13
N GLN A 29 2.09 5.56 -9.56
CA GLN A 29 2.83 6.23 -8.50
C GLN A 29 2.59 5.49 -7.19
N ILE A 30 1.43 4.85 -7.11
CA ILE A 30 1.03 4.10 -5.93
C ILE A 30 1.94 2.89 -5.72
N LYS A 31 2.31 2.22 -6.81
CA LYS A 31 3.19 1.05 -6.72
C LYS A 31 4.49 1.44 -6.01
N ILE A 32 5.08 2.54 -6.46
CA ILE A 32 6.30 3.05 -5.87
C ILE A 32 6.02 3.58 -4.48
N TRP A 33 4.88 4.23 -4.36
CA TRP A 33 4.43 4.82 -3.11
C TRP A 33 4.33 3.76 -2.02
N PHE A 34 3.66 2.67 -2.34
CA PHE A 34 3.50 1.57 -1.40
C PHE A 34 4.82 0.85 -1.16
N GLN A 35 5.55 0.62 -2.24
CA GLN A 35 6.83 -0.06 -2.13
C GLN A 35 7.83 0.82 -1.37
N ASN A 36 7.68 2.13 -1.50
CA ASN A 36 8.58 3.06 -0.82
C ASN A 36 8.27 3.12 0.66
N LYS A 37 6.99 3.10 1.00
CA LYS A 37 6.56 3.16 2.39
C LYS A 37 7.00 1.91 3.15
N ARG A 38 7.00 0.78 2.45
CA ARG A 38 7.40 -0.49 3.05
C ARG A 38 8.88 -0.46 3.45
N ALA A 39 9.67 0.33 2.73
CA ALA A 39 11.09 0.45 3.00
C ALA A 39 11.35 0.86 4.44
N LYS A 40 10.43 1.63 5.01
CA LYS A 40 10.55 2.10 6.38
C LYS A 40 10.23 0.98 7.36
N ILE A 41 9.44 0.01 6.92
CA ILE A 41 9.05 -1.11 7.77
C ILE A 41 8.14 -0.67 8.90
N LYS A 42 6.84 -0.96 8.75
CA LYS A 42 5.85 -0.59 9.75
C LYS A 42 4.64 -1.50 9.69
N LYS A 43 4.54 -2.42 10.65
CA LYS A 43 3.42 -3.36 10.70
C LYS A 43 2.18 -2.70 11.30
N SER A 44 1.13 -2.61 10.50
CA SER A 44 -0.12 -2.00 10.95
C SER A 44 -1.33 -2.79 10.43
N ALA A 1 3.99 -18.33 17.34
CA ALA A 1 3.27 -17.65 18.45
C ALA A 1 2.71 -16.30 17.99
N LYS A 2 2.45 -16.18 16.70
CA LYS A 2 1.90 -14.95 16.14
C LYS A 2 0.45 -15.12 15.77
N ARG A 3 -0.14 -14.06 15.20
CA ARG A 3 -1.54 -14.08 14.81
C ARG A 3 -1.67 -13.83 13.30
N GLU A 4 -2.86 -14.06 12.77
CA GLU A 4 -3.12 -13.86 11.35
C GLU A 4 -3.33 -12.37 11.05
N PHE A 5 -3.41 -12.05 9.76
CA PHE A 5 -3.62 -10.67 9.34
C PHE A 5 -4.04 -10.61 7.87
N ASN A 6 -4.15 -9.40 7.34
CA ASN A 6 -4.53 -9.20 5.95
C ASN A 6 -3.33 -8.92 5.07
N GLU A 7 -2.91 -9.94 4.31
CA GLU A 7 -1.77 -9.78 3.42
C GLU A 7 -2.08 -8.77 2.33
N ASN A 8 -1.95 -7.50 2.66
CA ASN A 8 -2.23 -6.42 1.73
C ASN A 8 -3.68 -6.50 1.25
N ARG A 9 -4.58 -6.11 2.14
CA ARG A 9 -6.01 -6.12 1.85
C ARG A 9 -6.72 -5.13 2.76
N TYR A 10 -6.50 -5.29 4.06
CA TYR A 10 -7.11 -4.44 5.08
C TYR A 10 -7.00 -2.96 4.73
N LEU A 11 -5.79 -2.53 4.34
CA LEU A 11 -5.56 -1.13 3.99
C LEU A 11 -5.01 -1.00 2.58
N THR A 12 -4.45 -2.08 2.05
CA THR A 12 -3.89 -2.06 0.69
C THR A 12 -4.92 -1.55 -0.32
N GLU A 13 -5.73 -2.47 -0.85
CA GLU A 13 -6.74 -2.12 -1.84
C GLU A 13 -7.69 -1.03 -1.34
N ARG A 14 -7.96 -1.03 -0.04
CA ARG A 14 -8.86 -0.05 0.54
C ARG A 14 -8.26 1.36 0.51
N ARG A 15 -7.02 1.48 0.97
CA ARG A 15 -6.34 2.77 0.99
C ARG A 15 -5.77 3.14 -0.37
N ARG A 16 -5.46 2.12 -1.18
CA ARG A 16 -4.90 2.35 -2.50
C ARG A 16 -5.86 3.16 -3.37
N GLN A 17 -7.14 2.83 -3.28
CA GLN A 17 -8.15 3.53 -4.06
C GLN A 17 -8.39 4.93 -3.53
N GLN A 18 -8.36 5.07 -2.21
CA GLN A 18 -8.58 6.37 -1.57
C GLN A 18 -7.35 7.27 -1.71
N LEU A 19 -6.18 6.67 -1.68
CA LEU A 19 -4.93 7.42 -1.80
C LEU A 19 -4.83 8.10 -3.15
N SER A 20 -5.24 7.38 -4.20
CA SER A 20 -5.20 7.92 -5.54
C SER A 20 -6.05 9.18 -5.65
N SER A 21 -7.31 9.08 -5.24
CA SER A 21 -8.23 10.20 -5.29
C SER A 21 -7.84 11.30 -4.29
N GLU A 22 -7.38 10.88 -3.11
CA GLU A 22 -6.99 11.82 -2.07
C GLU A 22 -5.74 12.61 -2.46
N LEU A 23 -4.71 11.90 -2.91
CA LEU A 23 -3.46 12.54 -3.30
C LEU A 23 -3.52 13.04 -4.75
N GLY A 24 -4.45 12.48 -5.53
CA GLY A 24 -4.59 12.88 -6.90
C GLY A 24 -3.46 12.37 -7.78
N LEU A 25 -2.88 11.24 -7.39
CA LEU A 25 -1.79 10.64 -8.14
C LEU A 25 -2.25 9.40 -8.88
N ASN A 26 -1.45 8.97 -9.86
CA ASN A 26 -1.78 7.79 -10.65
C ASN A 26 -1.25 6.54 -9.96
N GLU A 27 -1.89 5.40 -10.23
CA GLU A 27 -1.49 4.13 -9.65
C GLU A 27 0.01 3.90 -9.86
N ALA A 28 0.53 4.47 -10.95
CA ALA A 28 1.95 4.34 -11.26
C ALA A 28 2.79 4.89 -10.11
N GLN A 29 2.28 5.95 -9.49
CA GLN A 29 2.94 6.56 -8.34
C GLN A 29 2.63 5.74 -7.09
N ILE A 30 1.47 5.08 -7.12
CA ILE A 30 1.02 4.25 -6.03
C ILE A 30 1.92 3.04 -5.85
N LYS A 31 2.37 2.45 -6.96
CA LYS A 31 3.25 1.28 -6.90
C LYS A 31 4.52 1.64 -6.13
N ILE A 32 5.13 2.75 -6.51
CA ILE A 32 6.34 3.24 -5.87
C ILE A 32 6.02 3.72 -4.45
N TRP A 33 4.91 4.43 -4.36
CA TRP A 33 4.44 4.98 -3.09
C TRP A 33 4.22 3.88 -2.07
N PHE A 34 3.48 2.87 -2.48
CA PHE A 34 3.20 1.74 -1.60
C PHE A 34 4.45 0.92 -1.35
N GLN A 35 5.22 0.69 -2.39
CA GLN A 35 6.44 -0.08 -2.27
C GLN A 35 7.43 0.63 -1.37
N ASN A 36 7.38 1.97 -1.38
CA ASN A 36 8.28 2.78 -0.56
C ASN A 36 7.96 2.61 0.92
N LYS A 37 6.67 2.52 1.23
CA LYS A 37 6.22 2.37 2.60
C LYS A 37 6.81 1.11 3.25
N ARG A 38 6.97 0.06 2.44
CA ARG A 38 7.52 -1.19 2.92
C ARG A 38 8.97 -1.38 2.48
N ALA A 39 9.59 -0.29 2.02
CA ALA A 39 10.97 -0.34 1.56
C ALA A 39 11.92 -0.68 2.70
N LYS A 40 11.55 -0.29 3.92
CA LYS A 40 12.36 -0.55 5.10
C LYS A 40 12.32 -2.03 5.47
N ILE A 41 11.18 -2.66 5.24
CA ILE A 41 11.01 -4.07 5.55
C ILE A 41 11.11 -4.33 7.05
N LYS A 42 9.96 -4.43 7.71
CA LYS A 42 9.92 -4.66 9.15
C LYS A 42 9.15 -5.94 9.46
N LYS A 43 9.66 -6.70 10.43
CA LYS A 43 9.01 -7.95 10.84
C LYS A 43 7.77 -7.68 11.68
N SER A 44 6.87 -8.65 11.71
CA SER A 44 5.63 -8.53 12.49
C SER A 44 5.21 -9.86 13.07
N ALA A 1 -7.13 -19.88 4.50
CA ALA A 1 -5.67 -19.56 4.52
C ALA A 1 -5.25 -19.03 5.90
N LYS A 2 -4.56 -19.87 6.66
CA LYS A 2 -4.10 -19.49 7.99
C LYS A 2 -2.59 -19.60 8.09
N ARG A 3 -1.91 -18.45 8.05
CA ARG A 3 -0.45 -18.42 8.14
C ARG A 3 0.05 -16.99 8.23
N GLU A 4 -0.17 -16.21 7.18
CA GLU A 4 0.27 -14.83 7.14
C GLU A 4 -0.87 -13.91 6.68
N PHE A 5 -0.73 -12.62 6.98
CA PHE A 5 -1.75 -11.64 6.61
C PHE A 5 -1.72 -11.39 5.11
N ASN A 6 -2.54 -10.44 4.66
CA ASN A 6 -2.62 -10.09 3.24
C ASN A 6 -1.54 -9.07 2.90
N GLU A 7 -0.81 -9.34 1.82
CA GLU A 7 0.25 -8.45 1.37
C GLU A 7 -0.25 -7.53 0.26
N ASN A 8 -0.31 -6.24 0.54
CA ASN A 8 -0.78 -5.27 -0.44
C ASN A 8 -2.18 -5.62 -0.91
N ARG A 9 -2.96 -6.10 0.02
CA ARG A 9 -4.34 -6.51 -0.25
C ARG A 9 -5.25 -6.11 0.90
N TYR A 10 -4.79 -6.36 2.11
CA TYR A 10 -5.53 -6.04 3.33
C TYR A 10 -5.96 -4.58 3.37
N LEU A 11 -5.03 -3.68 3.08
CA LEU A 11 -5.30 -2.25 3.12
C LEU A 11 -4.95 -1.57 1.79
N THR A 12 -3.83 -1.98 1.22
CA THR A 12 -3.35 -1.41 -0.04
C THR A 12 -4.49 -1.24 -1.05
N GLU A 13 -5.27 -2.31 -1.25
CA GLU A 13 -6.38 -2.27 -2.20
C GLU A 13 -7.43 -1.23 -1.83
N ARG A 14 -7.92 -1.31 -0.60
CA ARG A 14 -8.94 -0.37 -0.12
C ARG A 14 -8.40 1.05 -0.03
N ARG A 15 -7.17 1.18 0.45
CA ARG A 15 -6.53 2.48 0.59
C ARG A 15 -6.07 3.04 -0.75
N ARG A 16 -5.87 2.16 -1.72
CA ARG A 16 -5.42 2.58 -3.05
C ARG A 16 -6.40 3.55 -3.67
N GLN A 17 -7.69 3.27 -3.52
CA GLN A 17 -8.73 4.12 -4.07
C GLN A 17 -8.76 5.47 -3.37
N GLN A 18 -8.59 5.44 -2.05
CA GLN A 18 -8.60 6.67 -1.25
C GLN A 18 -7.31 7.45 -1.41
N LEU A 19 -6.17 6.76 -1.39
CA LEU A 19 -4.89 7.41 -1.52
C LEU A 19 -4.75 8.06 -2.90
N SER A 20 -5.24 7.37 -3.92
CA SER A 20 -5.18 7.88 -5.27
C SER A 20 -6.02 9.15 -5.41
N SER A 21 -7.27 9.08 -4.98
CA SER A 21 -8.18 10.21 -5.04
C SER A 21 -7.75 11.33 -4.09
N GLU A 22 -7.28 10.94 -2.91
CA GLU A 22 -6.85 11.91 -1.89
C GLU A 22 -5.60 12.66 -2.33
N LEU A 23 -4.60 11.92 -2.79
CA LEU A 23 -3.35 12.52 -3.23
C LEU A 23 -3.43 12.99 -4.68
N GLY A 24 -4.39 12.43 -5.43
CA GLY A 24 -4.55 12.82 -6.82
C GLY A 24 -3.43 12.30 -7.70
N LEU A 25 -2.84 11.18 -7.31
CA LEU A 25 -1.75 10.57 -8.06
C LEU A 25 -2.23 9.32 -8.79
N ASN A 26 -1.45 8.88 -9.76
CA ASN A 26 -1.79 7.69 -10.53
C ASN A 26 -1.29 6.43 -9.81
N GLU A 27 -1.99 5.32 -10.03
CA GLU A 27 -1.62 4.05 -9.41
C GLU A 27 -0.17 3.73 -9.69
N ALA A 28 0.32 4.20 -10.83
CA ALA A 28 1.72 3.96 -11.21
C ALA A 28 2.65 4.52 -10.15
N GLN A 29 2.23 5.64 -9.56
CA GLN A 29 2.98 6.27 -8.48
C GLN A 29 2.71 5.53 -7.18
N ILE A 30 1.53 4.94 -7.11
CA ILE A 30 1.10 4.19 -5.94
C ILE A 30 1.95 2.95 -5.74
N LYS A 31 2.32 2.27 -6.83
CA LYS A 31 3.15 1.08 -6.74
C LYS A 31 4.46 1.41 -6.03
N ILE A 32 5.09 2.49 -6.47
CA ILE A 32 6.33 2.96 -5.88
C ILE A 32 6.07 3.50 -4.48
N TRP A 33 4.96 4.21 -4.37
CA TRP A 33 4.53 4.82 -3.12
C TRP A 33 4.39 3.77 -2.04
N PHE A 34 3.68 2.70 -2.36
CA PHE A 34 3.48 1.61 -1.41
C PHE A 34 4.76 0.85 -1.16
N GLN A 35 5.48 0.58 -2.24
CA GLN A 35 6.73 -0.15 -2.13
C GLN A 35 7.76 0.67 -1.38
N ASN A 36 7.68 2.00 -1.51
CA ASN A 36 8.62 2.89 -0.83
C ASN A 36 8.30 3.00 0.65
N LYS A 37 7.00 3.02 0.97
CA LYS A 37 6.56 3.13 2.35
C LYS A 37 7.00 1.92 3.16
N ARG A 38 6.86 0.73 2.59
CA ARG A 38 7.25 -0.50 3.26
C ARG A 38 8.21 -1.31 2.39
N ALA A 39 9.50 -1.25 2.72
CA ALA A 39 10.51 -1.97 1.97
C ALA A 39 11.16 -3.06 2.84
N LYS A 40 11.56 -2.68 4.04
CA LYS A 40 12.20 -3.62 4.97
C LYS A 40 11.15 -4.37 5.77
N ILE A 41 10.41 -3.65 6.60
CA ILE A 41 9.38 -4.24 7.43
C ILE A 41 9.98 -5.22 8.44
N LYS A 42 10.09 -4.78 9.69
CA LYS A 42 10.65 -5.62 10.75
C LYS A 42 10.04 -5.27 12.09
N LYS A 43 9.59 -6.29 12.82
CA LYS A 43 8.99 -6.08 14.14
C LYS A 43 7.74 -5.20 14.03
N SER A 44 6.99 -5.12 15.12
CA SER A 44 5.78 -4.31 15.16
C SER A 44 5.15 -4.31 16.54
N ALA A 1 0.05 -18.38 16.07
CA ALA A 1 -0.26 -19.67 15.40
C ALA A 1 -0.19 -19.54 13.88
N LYS A 2 -0.58 -18.38 13.38
CA LYS A 2 -0.55 -18.11 11.94
C LYS A 2 -0.10 -16.69 11.65
N ARG A 3 1.07 -16.56 11.04
CA ARG A 3 1.61 -15.25 10.71
C ARG A 3 1.17 -14.81 9.32
N GLU A 4 1.84 -13.80 8.78
CA GLU A 4 1.51 -13.28 7.45
C GLU A 4 0.09 -12.74 7.42
N PHE A 5 -0.30 -12.18 6.28
CA PHE A 5 -1.64 -11.62 6.12
C PHE A 5 -1.93 -11.33 4.64
N ASN A 6 -3.06 -10.68 4.39
CA ASN A 6 -3.47 -10.34 3.04
C ASN A 6 -2.44 -9.43 2.38
N GLU A 7 -1.55 -10.04 1.59
CA GLU A 7 -0.52 -9.28 0.90
C GLU A 7 -1.18 -8.30 -0.06
N ASN A 8 -1.29 -7.05 0.37
CA ASN A 8 -1.93 -6.03 -0.43
C ASN A 8 -3.39 -6.38 -0.65
N ARG A 9 -4.23 -5.97 0.29
CA ARG A 9 -5.65 -6.25 0.24
C ARG A 9 -6.35 -5.58 1.42
N TYR A 10 -6.09 -6.11 2.61
CA TYR A 10 -6.68 -5.60 3.85
C TYR A 10 -6.74 -4.07 3.86
N LEU A 11 -5.63 -3.45 3.49
CA LEU A 11 -5.54 -1.98 3.49
C LEU A 11 -5.13 -1.48 2.10
N THR A 12 -4.25 -2.21 1.45
CA THR A 12 -3.76 -1.83 0.13
C THR A 12 -4.91 -1.41 -0.79
N GLU A 13 -5.58 -2.40 -1.38
CA GLU A 13 -6.67 -2.15 -2.31
C GLU A 13 -7.71 -1.16 -1.73
N ARG A 14 -7.98 -1.28 -0.44
CA ARG A 14 -8.96 -0.40 0.20
C ARG A 14 -8.48 1.04 0.25
N ARG A 15 -7.24 1.24 0.69
CA ARG A 15 -6.66 2.56 0.80
C ARG A 15 -6.15 3.08 -0.55
N ARG A 16 -5.84 2.16 -1.46
CA ARG A 16 -5.35 2.53 -2.78
C ARG A 16 -6.32 3.45 -3.50
N GLN A 17 -7.61 3.18 -3.33
CA GLN A 17 -8.66 3.98 -3.97
C GLN A 17 -8.73 5.37 -3.36
N GLN A 18 -8.64 5.44 -2.04
CA GLN A 18 -8.70 6.73 -1.34
C GLN A 18 -7.39 7.50 -1.48
N LEU A 19 -6.27 6.78 -1.43
CA LEU A 19 -4.97 7.40 -1.55
C LEU A 19 -4.79 8.04 -2.92
N SER A 20 -5.27 7.36 -3.95
CA SER A 20 -5.17 7.86 -5.32
C SER A 20 -6.00 9.13 -5.49
N SER A 21 -7.27 9.07 -5.09
CA SER A 21 -8.17 10.21 -5.21
C SER A 21 -7.78 11.33 -4.26
N GLU A 22 -7.38 10.97 -3.03
CA GLU A 22 -6.99 11.96 -2.04
C GLU A 22 -5.72 12.70 -2.45
N LEU A 23 -4.73 11.96 -2.90
CA LEU A 23 -3.46 12.56 -3.32
C LEU A 23 -3.52 13.03 -4.77
N GLY A 24 -4.46 12.48 -5.53
CA GLY A 24 -4.60 12.86 -6.93
C GLY A 24 -3.46 12.34 -7.79
N LEU A 25 -2.88 11.22 -7.37
CA LEU A 25 -1.78 10.62 -8.11
C LEU A 25 -2.24 9.36 -8.84
N ASN A 26 -1.44 8.93 -9.80
CA ASN A 26 -1.76 7.74 -10.58
C ASN A 26 -1.25 6.48 -9.87
N GLU A 27 -1.94 5.37 -10.10
CA GLU A 27 -1.55 4.10 -9.49
C GLU A 27 -0.08 3.80 -9.76
N ALA A 28 0.41 4.28 -10.88
CA ALA A 28 1.81 4.08 -11.26
C ALA A 28 2.71 4.64 -10.17
N GLN A 29 2.27 5.74 -9.56
CA GLN A 29 3.00 6.36 -8.48
C GLN A 29 2.73 5.61 -7.19
N ILE A 30 1.55 4.99 -7.14
CA ILE A 30 1.11 4.22 -5.99
C ILE A 30 1.99 2.99 -5.79
N LYS A 31 2.38 2.34 -6.89
CA LYS A 31 3.22 1.16 -6.80
C LYS A 31 4.51 1.50 -6.06
N ILE A 32 5.14 2.59 -6.49
CA ILE A 32 6.37 3.07 -5.87
C ILE A 32 6.08 3.57 -4.47
N TRP A 33 4.97 4.29 -4.36
CA TRP A 33 4.52 4.86 -3.10
C TRP A 33 4.37 3.80 -2.04
N PHE A 34 3.66 2.73 -2.39
CA PHE A 34 3.44 1.62 -1.48
C PHE A 34 4.72 0.85 -1.23
N GLN A 35 5.47 0.61 -2.29
CA GLN A 35 6.71 -0.11 -2.18
C GLN A 35 7.72 0.68 -1.37
N ASN A 36 7.64 2.01 -1.46
CA ASN A 36 8.55 2.88 -0.73
C ASN A 36 8.29 2.81 0.77
N LYS A 37 7.03 2.77 1.15
CA LYS A 37 6.64 2.69 2.56
C LYS A 37 7.09 1.38 3.18
N ARG A 38 7.16 0.33 2.37
CA ARG A 38 7.56 -0.99 2.84
C ARG A 38 9.07 -1.06 3.06
N ALA A 39 9.79 0.00 2.68
CA ALA A 39 11.24 0.04 2.83
C ALA A 39 11.63 -0.03 4.30
N LYS A 40 10.77 0.47 5.18
CA LYS A 40 11.03 0.46 6.61
C LYS A 40 11.18 -0.97 7.13
N ILE A 41 10.15 -1.77 6.96
CA ILE A 41 10.16 -3.16 7.41
C ILE A 41 10.19 -3.24 8.93
N LYS A 42 9.07 -3.64 9.52
CA LYS A 42 8.97 -3.76 10.97
C LYS A 42 9.03 -5.22 11.40
N LYS A 43 8.91 -5.46 12.70
CA LYS A 43 8.94 -6.82 13.24
C LYS A 43 7.62 -7.18 13.88
N SER A 44 7.05 -8.31 13.45
CA SER A 44 5.78 -8.78 13.99
C SER A 44 5.93 -10.14 14.67
N ALA A 1 4.68 -18.14 -1.28
CA ALA A 1 4.05 -18.92 -0.19
C ALA A 1 4.43 -18.37 1.18
N LYS A 2 4.73 -17.08 1.23
CA LYS A 2 5.12 -16.44 2.48
C LYS A 2 3.90 -16.21 3.37
N ARG A 3 3.69 -17.12 4.33
CA ARG A 3 2.56 -17.02 5.25
C ARG A 3 1.24 -17.03 4.49
N GLU A 4 0.15 -16.90 5.22
CA GLU A 4 -1.18 -16.90 4.63
C GLU A 4 -1.94 -15.62 4.97
N PHE A 5 -2.07 -14.73 3.99
CA PHE A 5 -2.77 -13.47 4.19
C PHE A 5 -2.87 -12.69 2.89
N ASN A 6 -3.54 -11.55 2.94
CA ASN A 6 -3.71 -10.71 1.76
C ASN A 6 -2.47 -9.83 1.54
N GLU A 7 -1.63 -10.24 0.59
CA GLU A 7 -0.41 -9.49 0.29
C GLU A 7 -0.75 -8.05 -0.10
N ASN A 8 -1.75 -7.91 -0.95
CA ASN A 8 -2.17 -6.58 -1.40
C ASN A 8 -3.64 -6.59 -1.79
N ARG A 9 -4.48 -6.79 -0.79
CA ARG A 9 -5.93 -6.84 -0.98
C ARG A 9 -6.64 -6.25 0.24
N TYR A 10 -6.25 -6.73 1.41
CA TYR A 10 -6.83 -6.29 2.67
C TYR A 10 -6.89 -4.76 2.79
N LEU A 11 -5.76 -4.10 2.56
CA LEU A 11 -5.70 -2.65 2.66
C LEU A 11 -5.34 -2.02 1.32
N THR A 12 -4.58 -2.75 0.52
CA THR A 12 -4.13 -2.26 -0.78
C THR A 12 -5.27 -1.59 -1.55
N GLU A 13 -6.10 -2.40 -2.21
CA GLU A 13 -7.22 -1.88 -3.00
C GLU A 13 -8.07 -0.89 -2.21
N ARG A 14 -8.23 -1.13 -0.91
CA ARG A 14 -9.04 -0.26 -0.07
C ARG A 14 -8.40 1.13 0.06
N ARG A 15 -7.12 1.15 0.38
CA ARG A 15 -6.40 2.41 0.55
C ARG A 15 -5.99 3.01 -0.79
N ARG A 16 -5.86 2.15 -1.80
CA ARG A 16 -5.45 2.59 -3.13
C ARG A 16 -6.46 3.58 -3.72
N GLN A 17 -7.74 3.28 -3.53
CA GLN A 17 -8.80 4.13 -4.04
C GLN A 17 -8.77 5.51 -3.38
N GLN A 18 -8.65 5.52 -2.06
CA GLN A 18 -8.61 6.76 -1.30
C GLN A 18 -7.27 7.47 -1.44
N LEU A 19 -6.18 6.71 -1.44
CA LEU A 19 -4.85 7.27 -1.56
C LEU A 19 -4.66 7.95 -2.91
N SER A 20 -5.18 7.32 -3.96
CA SER A 20 -5.07 7.88 -5.30
C SER A 20 -5.88 9.17 -5.42
N SER A 21 -7.14 9.10 -5.00
CA SER A 21 -8.03 10.27 -5.06
C SER A 21 -7.59 11.35 -4.08
N GLU A 22 -7.18 10.93 -2.88
CA GLU A 22 -6.75 11.86 -1.85
C GLU A 22 -5.47 12.59 -2.25
N LEU A 23 -4.47 11.83 -2.69
CA LEU A 23 -3.19 12.41 -3.09
C LEU A 23 -3.23 12.88 -4.54
N GLY A 24 -4.24 12.43 -5.28
CA GLY A 24 -4.35 12.82 -6.67
C GLY A 24 -3.26 12.20 -7.53
N LEU A 25 -2.83 11.01 -7.17
CA LEU A 25 -1.79 10.30 -7.91
C LEU A 25 -2.33 9.05 -8.56
N ASN A 26 -1.68 8.60 -9.62
CA ASN A 26 -2.09 7.40 -10.33
C ASN A 26 -1.51 6.15 -9.67
N GLU A 27 -2.17 5.01 -9.88
CA GLU A 27 -1.71 3.75 -9.31
C GLU A 27 -0.24 3.53 -9.61
N ALA A 28 0.22 4.08 -10.74
CA ALA A 28 1.61 3.95 -11.14
C ALA A 28 2.51 4.56 -10.07
N GLN A 29 2.01 5.59 -9.43
CA GLN A 29 2.73 6.24 -8.35
C GLN A 29 2.52 5.46 -7.05
N ILE A 30 1.39 4.79 -6.99
CA ILE A 30 1.02 3.98 -5.83
C ILE A 30 1.97 2.79 -5.65
N LYS A 31 2.36 2.16 -6.76
CA LYS A 31 3.26 1.02 -6.67
C LYS A 31 4.58 1.44 -6.01
N ILE A 32 5.12 2.56 -6.48
CA ILE A 32 6.35 3.11 -5.93
C ILE A 32 6.09 3.63 -4.52
N TRP A 33 4.98 4.32 -4.39
CA TRP A 33 4.55 4.92 -3.13
C TRP A 33 4.48 3.86 -2.04
N PHE A 34 3.80 2.76 -2.36
CA PHE A 34 3.68 1.66 -1.42
C PHE A 34 4.99 0.94 -1.24
N GLN A 35 5.69 0.74 -2.35
CA GLN A 35 6.96 0.07 -2.33
C GLN A 35 7.98 0.87 -1.53
N ASN A 36 7.84 2.21 -1.55
CA ASN A 36 8.75 3.08 -0.83
C ASN A 36 8.39 3.15 0.66
N LYS A 37 7.09 3.13 0.95
CA LYS A 37 6.61 3.18 2.32
C LYS A 37 6.95 1.90 3.07
N ARG A 38 6.99 0.79 2.34
CA ARG A 38 7.30 -0.51 2.94
C ARG A 38 8.75 -0.55 3.42
N ALA A 39 9.61 0.26 2.80
CA ALA A 39 11.02 0.30 3.17
C ALA A 39 11.22 0.93 4.55
N LYS A 40 10.23 1.70 5.00
CA LYS A 40 10.30 2.34 6.30
C LYS A 40 9.28 1.76 7.27
N ILE A 41 9.55 0.55 7.74
CA ILE A 41 8.65 -0.12 8.68
C ILE A 41 9.41 -0.66 9.88
N LYS A 42 9.66 0.20 10.86
CA LYS A 42 10.38 -0.18 12.06
C LYS A 42 9.58 0.18 13.31
N LYS A 43 9.07 -0.84 13.99
CA LYS A 43 8.28 -0.63 15.20
C LYS A 43 8.64 -1.65 16.27
N SER A 44 8.00 -1.55 17.43
CA SER A 44 8.26 -2.47 18.53
C SER A 44 6.96 -2.91 19.20
N ALA A 1 4.13 -16.90 10.35
CA ALA A 1 3.01 -15.99 10.66
C ALA A 1 1.67 -16.70 10.55
N LYS A 2 1.14 -17.12 11.70
CA LYS A 2 -0.13 -17.83 11.75
C LYS A 2 -1.24 -16.91 12.26
N ARG A 3 -1.74 -16.05 11.39
CA ARG A 3 -2.80 -15.13 11.75
C ARG A 3 -3.91 -15.14 10.71
N GLU A 4 -5.08 -14.62 11.08
CA GLU A 4 -6.22 -14.56 10.17
C GLU A 4 -6.70 -13.13 9.99
N PHE A 5 -6.10 -12.43 9.03
CA PHE A 5 -6.47 -11.05 8.76
C PHE A 5 -6.29 -10.72 7.27
N ASN A 6 -6.59 -9.48 6.90
CA ASN A 6 -6.46 -9.04 5.52
C ASN A 6 -5.01 -8.73 5.19
N GLU A 7 -4.34 -9.66 4.53
CA GLU A 7 -2.94 -9.48 4.15
C GLU A 7 -2.78 -8.20 3.33
N ASN A 8 -3.58 -8.09 2.27
CA ASN A 8 -3.56 -6.92 1.42
C ASN A 8 -4.95 -6.64 0.88
N ARG A 9 -5.74 -5.98 1.70
CA ARG A 9 -7.11 -5.63 1.35
C ARG A 9 -7.62 -4.52 2.25
N TYR A 10 -7.60 -4.79 3.55
CA TYR A 10 -8.05 -3.83 4.56
C TYR A 10 -7.59 -2.41 4.25
N LEU A 11 -6.30 -2.25 3.99
CA LEU A 11 -5.74 -0.94 3.68
C LEU A 11 -5.14 -0.93 2.29
N THR A 12 -4.63 -2.08 1.87
CA THR A 12 -4.02 -2.20 0.55
C THR A 12 -4.91 -1.60 -0.54
N GLU A 13 -5.78 -2.43 -1.12
CA GLU A 13 -6.69 -1.99 -2.18
C GLU A 13 -7.65 -0.91 -1.69
N ARG A 14 -8.05 -1.00 -0.43
CA ARG A 14 -8.99 -0.04 0.14
C ARG A 14 -8.39 1.36 0.17
N ARG A 15 -7.18 1.48 0.68
CA ARG A 15 -6.50 2.77 0.76
C ARG A 15 -5.90 3.16 -0.58
N ARG A 16 -5.62 2.16 -1.42
CA ARG A 16 -5.04 2.39 -2.73
C ARG A 16 -5.96 3.26 -3.59
N GLN A 17 -7.25 2.95 -3.56
CA GLN A 17 -8.23 3.69 -4.34
C GLN A 17 -8.45 5.09 -3.76
N GLN A 18 -8.48 5.17 -2.43
CA GLN A 18 -8.67 6.44 -1.75
C GLN A 18 -7.42 7.30 -1.81
N LEU A 19 -6.26 6.65 -1.79
CA LEU A 19 -4.99 7.36 -1.85
C LEU A 19 -4.83 8.10 -3.16
N SER A 20 -5.25 7.46 -4.26
CA SER A 20 -5.15 8.07 -5.57
C SER A 20 -6.00 9.34 -5.63
N SER A 21 -7.27 9.22 -5.27
CA SER A 21 -8.18 10.36 -5.28
C SER A 21 -7.83 11.38 -4.21
N GLU A 22 -7.40 10.90 -3.04
CA GLU A 22 -7.05 11.76 -1.92
C GLU A 22 -5.75 12.52 -2.20
N LEU A 23 -4.70 11.79 -2.53
CA LEU A 23 -3.40 12.40 -2.81
C LEU A 23 -3.30 12.87 -4.26
N GLY A 24 -4.26 12.45 -5.09
CA GLY A 24 -4.24 12.84 -6.48
C GLY A 24 -3.10 12.17 -7.23
N LEU A 25 -2.76 10.97 -6.80
CA LEU A 25 -1.67 10.22 -7.42
C LEU A 25 -2.19 9.15 -8.36
N ASN A 26 -1.36 8.78 -9.33
CA ASN A 26 -1.70 7.74 -10.27
C ASN A 26 -1.31 6.38 -9.71
N GLU A 27 -2.08 5.35 -10.04
CA GLU A 27 -1.78 4.01 -9.55
C GLU A 27 -0.32 3.66 -9.81
N ALA A 28 0.21 4.18 -10.91
CA ALA A 28 1.60 3.96 -11.29
C ALA A 28 2.54 4.51 -10.23
N GLN A 29 2.18 5.66 -9.67
CA GLN A 29 2.97 6.29 -8.62
C GLN A 29 2.72 5.59 -7.31
N ILE A 30 1.52 5.04 -7.18
CA ILE A 30 1.10 4.33 -5.99
C ILE A 30 1.92 3.05 -5.81
N LYS A 31 2.21 2.36 -6.90
CA LYS A 31 3.00 1.13 -6.82
C LYS A 31 4.33 1.42 -6.13
N ILE A 32 4.98 2.48 -6.58
CA ILE A 32 6.25 2.91 -6.00
C ILE A 32 6.02 3.44 -4.59
N TRP A 33 4.93 4.18 -4.47
CA TRP A 33 4.52 4.78 -3.21
C TRP A 33 4.40 3.74 -2.13
N PHE A 34 3.69 2.67 -2.43
CA PHE A 34 3.51 1.58 -1.47
C PHE A 34 4.80 0.84 -1.24
N GLN A 35 5.52 0.58 -2.31
CA GLN A 35 6.77 -0.14 -2.21
C GLN A 35 7.80 0.69 -1.44
N ASN A 36 7.69 2.02 -1.54
CA ASN A 36 8.62 2.91 -0.85
C ASN A 36 8.23 3.05 0.62
N LYS A 37 6.92 3.04 0.89
CA LYS A 37 6.41 3.17 2.25
C LYS A 37 6.73 1.92 3.06
N ARG A 38 6.82 0.78 2.39
CA ARG A 38 7.12 -0.48 3.06
C ARG A 38 8.63 -0.68 3.24
N ALA A 39 9.41 0.33 2.87
CA ALA A 39 10.86 0.26 3.00
C ALA A 39 11.32 0.62 4.41
N LYS A 40 10.97 1.83 4.84
CA LYS A 40 11.34 2.29 6.17
C LYS A 40 10.57 1.53 7.25
N ILE A 41 9.35 1.12 6.91
CA ILE A 41 8.51 0.38 7.85
C ILE A 41 8.14 1.25 9.05
N LYS A 42 6.93 1.80 9.03
CA LYS A 42 6.45 2.65 10.12
C LYS A 42 5.90 1.80 11.26
N LYS A 43 5.62 2.45 12.39
CA LYS A 43 5.09 1.76 13.56
C LYS A 43 4.70 2.76 14.64
N SER A 44 4.00 2.27 15.67
CA SER A 44 3.57 3.11 16.77
C SER A 44 3.25 2.27 18.00
N ALA A 1 -1.07 -16.78 18.80
CA ALA A 1 -0.21 -17.76 18.07
C ALA A 1 -0.67 -17.92 16.63
N LYS A 2 -1.98 -17.90 16.42
CA LYS A 2 -2.55 -18.03 15.09
C LYS A 2 -2.66 -16.68 14.39
N ARG A 3 -1.78 -16.45 13.42
CA ARG A 3 -1.77 -15.20 12.68
C ARG A 3 -2.50 -15.35 11.35
N GLU A 4 -3.58 -14.58 11.19
CA GLU A 4 -4.37 -14.63 9.96
C GLU A 4 -4.83 -13.23 9.56
N PHE A 5 -4.09 -12.60 8.66
CA PHE A 5 -4.42 -11.26 8.20
C PHE A 5 -4.14 -11.11 6.70
N ASN A 6 -4.29 -9.90 6.20
CA ASN A 6 -4.06 -9.61 4.79
C ASN A 6 -2.70 -8.94 4.59
N GLU A 7 -1.84 -9.58 3.80
CA GLU A 7 -0.51 -9.05 3.54
C GLU A 7 -0.56 -7.84 2.60
N ASN A 8 -1.66 -7.69 1.89
CA ASN A 8 -1.82 -6.58 0.95
C ASN A 8 -3.23 -6.54 0.37
N ARG A 9 -4.19 -6.73 1.25
CA ARG A 9 -5.60 -6.72 0.85
C ARG A 9 -6.41 -5.79 1.76
N TYR A 10 -6.15 -5.91 3.06
CA TYR A 10 -6.84 -5.11 4.07
C TYR A 10 -6.86 -3.61 3.72
N LEU A 11 -5.72 -3.08 3.32
CA LEU A 11 -5.62 -1.66 3.01
C LEU A 11 -5.16 -1.43 1.56
N THR A 12 -4.60 -2.45 0.93
CA THR A 12 -4.13 -2.31 -0.44
C THR A 12 -5.20 -1.67 -1.33
N GLU A 13 -6.11 -2.47 -1.84
CA GLU A 13 -7.17 -1.97 -2.73
C GLU A 13 -8.07 -0.96 -2.03
N ARG A 14 -8.31 -1.15 -0.74
CA ARG A 14 -9.17 -0.26 0.02
C ARG A 14 -8.55 1.13 0.18
N ARG A 15 -7.30 1.17 0.59
CA ARG A 15 -6.59 2.44 0.78
C ARG A 15 -6.07 2.98 -0.54
N ARG A 16 -5.80 2.09 -1.49
CA ARG A 16 -5.28 2.50 -2.79
C ARG A 16 -6.27 3.44 -3.49
N GLN A 17 -7.55 3.14 -3.37
CA GLN A 17 -8.59 3.95 -3.99
C GLN A 17 -8.64 5.35 -3.38
N GLN A 18 -8.58 5.41 -2.05
CA GLN A 18 -8.61 6.68 -1.34
C GLN A 18 -7.29 7.41 -1.46
N LEU A 19 -6.19 6.67 -1.41
CA LEU A 19 -4.85 7.26 -1.52
C LEU A 19 -4.65 7.91 -2.88
N SER A 20 -5.17 7.27 -3.92
CA SER A 20 -5.05 7.78 -5.28
C SER A 20 -5.82 9.10 -5.42
N SER A 21 -7.08 9.08 -5.04
CA SER A 21 -7.93 10.27 -5.12
C SER A 21 -7.49 11.33 -4.12
N GLU A 22 -7.13 10.91 -2.92
CA GLU A 22 -6.70 11.83 -1.87
C GLU A 22 -5.40 12.54 -2.27
N LEU A 23 -4.43 11.76 -2.74
CA LEU A 23 -3.14 12.33 -3.15
C LEU A 23 -3.20 12.84 -4.58
N GLY A 24 -4.20 12.40 -5.33
CA GLY A 24 -4.34 12.82 -6.71
C GLY A 24 -3.26 12.22 -7.61
N LEU A 25 -2.79 11.04 -7.25
CA LEU A 25 -1.76 10.36 -8.03
C LEU A 25 -2.32 9.09 -8.68
N ASN A 26 -1.63 8.63 -9.72
CA ASN A 26 -2.05 7.44 -10.43
C ASN A 26 -1.46 6.20 -9.76
N GLU A 27 -2.11 5.05 -9.97
CA GLU A 27 -1.64 3.80 -9.39
C GLU A 27 -0.16 3.60 -9.68
N ALA A 28 0.29 4.16 -10.80
CA ALA A 28 1.69 4.05 -11.19
C ALA A 28 2.58 4.64 -10.10
N GLN A 29 2.07 5.71 -9.48
CA GLN A 29 2.79 6.36 -8.39
C GLN A 29 2.57 5.56 -7.11
N ILE A 30 1.43 4.87 -7.06
CA ILE A 30 1.06 4.05 -5.93
C ILE A 30 2.01 2.88 -5.76
N LYS A 31 2.42 2.27 -6.87
CA LYS A 31 3.35 1.14 -6.82
C LYS A 31 4.64 1.57 -6.10
N ILE A 32 5.19 2.69 -6.54
CA ILE A 32 6.40 3.24 -5.94
C ILE A 32 6.11 3.73 -4.53
N TRP A 33 4.98 4.40 -4.40
CA TRP A 33 4.53 4.96 -3.13
C TRP A 33 4.45 3.87 -2.08
N PHE A 34 3.78 2.78 -2.44
CA PHE A 34 3.63 1.66 -1.53
C PHE A 34 4.95 0.94 -1.32
N GLN A 35 5.68 0.75 -2.40
CA GLN A 35 6.96 0.08 -2.33
C GLN A 35 7.95 0.90 -1.49
N ASN A 36 7.79 2.23 -1.53
CA ASN A 36 8.66 3.12 -0.77
C ASN A 36 8.28 3.13 0.70
N LYS A 37 6.97 3.16 0.97
CA LYS A 37 6.48 3.18 2.34
C LYS A 37 6.68 1.81 3.01
N ARG A 38 6.67 0.76 2.21
CA ARG A 38 6.85 -0.59 2.73
C ARG A 38 8.26 -0.79 3.27
N ALA A 39 9.19 0.05 2.83
CA ALA A 39 10.57 -0.03 3.28
C ALA A 39 10.86 0.93 4.43
N LYS A 40 9.82 1.21 5.22
CA LYS A 40 9.96 2.10 6.36
C LYS A 40 10.13 1.32 7.66
N ILE A 41 9.07 0.63 8.07
CA ILE A 41 9.10 -0.16 9.30
C ILE A 41 9.40 0.70 10.51
N LYS A 42 8.33 1.08 11.23
CA LYS A 42 8.47 1.92 12.41
C LYS A 42 9.05 3.28 12.05
N LYS A 43 8.61 4.31 12.78
CA LYS A 43 9.09 5.67 12.53
C LYS A 43 9.60 6.31 13.82
N SER A 44 10.06 7.55 13.72
CA SER A 44 10.57 8.27 14.87
C SER A 44 10.17 9.74 14.82
N ALA A 1 -4.98 -8.00 22.43
CA ALA A 1 -6.45 -7.92 22.30
C ALA A 1 -6.94 -8.66 21.04
N LYS A 2 -6.22 -8.47 19.94
CA LYS A 2 -6.56 -9.11 18.68
C LYS A 2 -5.31 -9.64 17.98
N ARG A 3 -5.49 -10.68 17.18
CA ARG A 3 -4.37 -11.29 16.45
C ARG A 3 -4.77 -11.59 15.01
N GLU A 4 -3.78 -11.64 14.13
CA GLU A 4 -4.02 -11.93 12.72
C GLU A 4 -4.89 -10.85 12.08
N PHE A 5 -4.30 -10.08 11.18
CA PHE A 5 -5.03 -9.02 10.49
C PHE A 5 -4.97 -9.22 8.98
N ASN A 6 -5.52 -8.26 8.24
CA ASN A 6 -5.52 -8.32 6.79
C ASN A 6 -4.15 -7.93 6.25
N GLU A 7 -3.47 -8.89 5.62
CA GLU A 7 -2.15 -8.65 5.06
C GLU A 7 -2.23 -7.98 3.70
N ASN A 8 -1.85 -6.71 3.64
CA ASN A 8 -1.86 -5.96 2.40
C ASN A 8 -3.27 -5.88 1.80
N ARG A 9 -4.23 -5.71 2.68
CA ARG A 9 -5.63 -5.62 2.28
C ARG A 9 -6.35 -4.56 3.10
N TYR A 10 -6.15 -4.61 4.42
CA TYR A 10 -6.76 -3.69 5.35
C TYR A 10 -6.66 -2.24 4.88
N LEU A 11 -5.48 -1.86 4.41
CA LEU A 11 -5.22 -0.50 3.97
C LEU A 11 -4.58 -0.49 2.58
N THR A 12 -4.47 -1.66 1.97
CA THR A 12 -3.87 -1.78 0.65
C THR A 12 -4.86 -1.41 -0.46
N GLU A 13 -5.61 -2.40 -0.93
CA GLU A 13 -6.58 -2.20 -2.01
C GLU A 13 -7.69 -1.21 -1.61
N ARG A 14 -8.26 -1.39 -0.43
CA ARG A 14 -9.34 -0.53 0.03
C ARG A 14 -8.89 0.92 0.14
N ARG A 15 -7.73 1.12 0.76
CA ARG A 15 -7.19 2.46 0.94
C ARG A 15 -6.49 2.97 -0.32
N ARG A 16 -6.06 2.04 -1.18
CA ARG A 16 -5.39 2.41 -2.42
C ARG A 16 -6.27 3.32 -3.28
N GLN A 17 -7.54 3.00 -3.33
CA GLN A 17 -8.50 3.79 -4.10
C GLN A 17 -8.63 5.19 -3.55
N GLN A 18 -8.63 5.31 -2.22
CA GLN A 18 -8.76 6.60 -1.56
C GLN A 18 -7.46 7.39 -1.64
N LEU A 19 -6.34 6.67 -1.56
CA LEU A 19 -5.03 7.30 -1.62
C LEU A 19 -4.80 7.98 -2.97
N SER A 20 -5.27 7.34 -4.03
CA SER A 20 -5.12 7.88 -5.38
C SER A 20 -5.89 9.19 -5.52
N SER A 21 -7.17 9.16 -5.18
CA SER A 21 -8.03 10.33 -5.27
C SER A 21 -7.64 11.38 -4.25
N GLU A 22 -7.27 10.94 -3.05
CA GLU A 22 -6.89 11.84 -1.98
C GLU A 22 -5.60 12.60 -2.33
N LEU A 23 -4.60 11.87 -2.78
CA LEU A 23 -3.32 12.48 -3.14
C LEU A 23 -3.34 13.01 -4.57
N GLY A 24 -4.26 12.50 -5.38
CA GLY A 24 -4.37 12.93 -6.76
C GLY A 24 -3.24 12.41 -7.62
N LEU A 25 -2.70 11.25 -7.25
CA LEU A 25 -1.60 10.64 -7.99
C LEU A 25 -2.10 9.43 -8.78
N ASN A 26 -1.29 9.00 -9.74
CA ASN A 26 -1.62 7.85 -10.57
C ASN A 26 -1.21 6.55 -9.87
N GLU A 27 -1.95 5.49 -10.14
CA GLU A 27 -1.66 4.19 -9.54
C GLU A 27 -0.20 3.81 -9.78
N ALA A 28 0.34 4.28 -10.90
CA ALA A 28 1.73 3.99 -11.22
C ALA A 28 2.65 4.53 -10.13
N GLN A 29 2.22 5.63 -9.52
CA GLN A 29 2.96 6.25 -8.43
C GLN A 29 2.70 5.48 -7.14
N ILE A 30 1.52 4.85 -7.08
CA ILE A 30 1.11 4.08 -5.93
C ILE A 30 2.01 2.85 -5.74
N LYS A 31 2.38 2.21 -6.83
CA LYS A 31 3.26 1.04 -6.76
C LYS A 31 4.56 1.41 -6.06
N ILE A 32 5.17 2.49 -6.54
CA ILE A 32 6.41 3.00 -5.98
C ILE A 32 6.16 3.57 -4.59
N TRP A 33 5.10 4.37 -4.49
CA TRP A 33 4.72 5.02 -3.25
C TRP A 33 4.54 3.99 -2.16
N PHE A 34 3.77 2.95 -2.45
CA PHE A 34 3.55 1.88 -1.50
C PHE A 34 4.80 1.07 -1.29
N GLN A 35 5.47 0.78 -2.39
CA GLN A 35 6.70 0.01 -2.34
C GLN A 35 7.76 0.73 -1.51
N ASN A 36 7.73 2.06 -1.53
CA ASN A 36 8.70 2.85 -0.78
C ASN A 36 8.32 2.90 0.70
N LYS A 37 7.02 3.00 0.98
CA LYS A 37 6.53 3.04 2.34
C LYS A 37 6.94 1.80 3.12
N ARG A 38 6.99 0.66 2.42
CA ARG A 38 7.37 -0.60 3.05
C ARG A 38 8.56 -1.22 2.32
N ALA A 39 9.74 -1.07 2.91
CA ALA A 39 10.95 -1.62 2.32
C ALA A 39 11.85 -2.26 3.38
N LYS A 40 11.23 -2.73 4.47
CA LYS A 40 11.97 -3.35 5.56
C LYS A 40 11.00 -3.97 6.57
N ILE A 41 10.02 -3.19 6.99
CA ILE A 41 9.04 -3.66 7.96
C ILE A 41 9.70 -4.15 9.24
N LYS A 42 9.96 -3.21 10.15
CA LYS A 42 10.59 -3.55 11.42
C LYS A 42 9.56 -3.59 12.55
N LYS A 43 8.73 -4.64 12.54
CA LYS A 43 7.70 -4.79 13.56
C LYS A 43 8.20 -5.69 14.69
N SER A 44 7.33 -5.90 15.69
CA SER A 44 7.68 -6.73 16.83
C SER A 44 6.87 -8.03 16.81
N ALA A 1 -4.10 -21.42 8.70
CA ALA A 1 -4.21 -20.08 9.32
C ALA A 1 -2.94 -19.26 9.07
N LYS A 2 -1.85 -19.67 9.72
CA LYS A 2 -0.58 -18.98 9.57
C LYS A 2 0.26 -19.61 8.47
N ARG A 3 0.54 -18.84 7.42
CA ARG A 3 1.33 -19.32 6.30
C ARG A 3 1.58 -18.21 5.29
N GLU A 4 0.52 -17.50 4.93
CA GLU A 4 0.62 -16.41 3.96
C GLU A 4 -0.60 -15.49 4.06
N PHE A 5 -0.39 -14.23 3.75
CA PHE A 5 -1.48 -13.24 3.80
C PHE A 5 -1.66 -12.57 2.45
N ASN A 6 -2.57 -11.60 2.39
CA ASN A 6 -2.84 -10.87 1.16
C ASN A 6 -1.72 -9.90 0.83
N GLU A 7 -0.81 -10.33 -0.05
CA GLU A 7 0.30 -9.48 -0.45
C GLU A 7 -0.21 -8.21 -1.09
N ASN A 8 -0.44 -7.19 -0.28
CA ASN A 8 -0.96 -5.93 -0.76
C ASN A 8 -2.36 -6.13 -1.32
N ARG A 9 -3.34 -6.01 -0.46
CA ARG A 9 -4.74 -6.20 -0.85
C ARG A 9 -5.66 -5.72 0.27
N TYR A 10 -5.54 -6.37 1.43
CA TYR A 10 -6.35 -6.03 2.60
C TYR A 10 -6.57 -4.53 2.74
N LEU A 11 -5.48 -3.77 2.62
CA LEU A 11 -5.54 -2.32 2.73
C LEU A 11 -5.01 -1.65 1.46
N THR A 12 -4.25 -2.40 0.67
CA THR A 12 -3.68 -1.87 -0.56
C THR A 12 -4.77 -1.36 -1.50
N GLU A 13 -5.67 -2.27 -1.91
CA GLU A 13 -6.75 -1.92 -2.81
C GLU A 13 -7.69 -0.88 -2.18
N ARG A 14 -8.06 -1.11 -0.93
CA ARG A 14 -8.96 -0.20 -0.22
C ARG A 14 -8.33 1.19 -0.07
N ARG A 15 -7.06 1.21 0.29
CA ARG A 15 -6.34 2.47 0.47
C ARG A 15 -5.90 3.07 -0.87
N ARG A 16 -5.73 2.19 -1.86
CA ARG A 16 -5.31 2.63 -3.19
C ARG A 16 -6.32 3.60 -3.79
N GLN A 17 -7.60 3.28 -3.64
CA GLN A 17 -8.67 4.12 -4.16
C GLN A 17 -8.71 5.47 -3.47
N GLN A 18 -8.54 5.45 -2.15
CA GLN A 18 -8.56 6.68 -1.35
C GLN A 18 -7.28 7.48 -1.52
N LEU A 19 -6.15 6.79 -1.57
CA LEU A 19 -4.86 7.46 -1.73
C LEU A 19 -4.78 8.16 -3.08
N SER A 20 -5.29 7.50 -4.12
CA SER A 20 -5.27 8.07 -5.45
C SER A 20 -6.12 9.34 -5.51
N SER A 21 -7.37 9.23 -5.03
CA SER A 21 -8.29 10.36 -5.03
C SER A 21 -7.85 11.45 -4.04
N GLU A 22 -7.42 11.01 -2.85
CA GLU A 22 -6.99 11.95 -1.81
C GLU A 22 -5.67 12.63 -2.16
N LEU A 23 -4.66 11.83 -2.49
CA LEU A 23 -3.34 12.36 -2.84
C LEU A 23 -3.27 12.77 -4.31
N GLY A 24 -4.23 12.32 -5.10
CA GLY A 24 -4.24 12.65 -6.51
C GLY A 24 -3.12 11.96 -7.26
N LEU A 25 -2.74 10.78 -6.79
CA LEU A 25 -1.67 10.01 -7.41
C LEU A 25 -2.22 8.88 -8.27
N ASN A 26 -1.46 8.49 -9.27
CA ASN A 26 -1.86 7.40 -10.15
C ASN A 26 -1.40 6.08 -9.56
N GLU A 27 -2.12 5.00 -9.85
CA GLU A 27 -1.77 3.69 -9.34
C GLU A 27 -0.30 3.37 -9.65
N ALA A 28 0.17 3.88 -10.78
CA ALA A 28 1.55 3.66 -11.21
C ALA A 28 2.51 4.29 -10.22
N GLN A 29 2.15 5.45 -9.69
CA GLN A 29 2.97 6.15 -8.72
C GLN A 29 2.76 5.53 -7.35
N ILE A 30 1.56 5.01 -7.16
CA ILE A 30 1.18 4.37 -5.91
C ILE A 30 1.98 3.09 -5.69
N LYS A 31 2.24 2.33 -6.76
CA LYS A 31 3.01 1.10 -6.64
C LYS A 31 4.35 1.40 -5.98
N ILE A 32 5.00 2.45 -6.47
CA ILE A 32 6.29 2.90 -5.92
C ILE A 32 6.08 3.46 -4.53
N TRP A 33 4.99 4.20 -4.41
CA TRP A 33 4.60 4.85 -3.17
C TRP A 33 4.51 3.84 -2.04
N PHE A 34 3.78 2.77 -2.31
CA PHE A 34 3.62 1.70 -1.32
C PHE A 34 4.90 0.94 -1.11
N GLN A 35 5.57 0.64 -2.21
CA GLN A 35 6.82 -0.08 -2.15
C GLN A 35 7.89 0.75 -1.44
N ASN A 36 7.78 2.07 -1.56
CA ASN A 36 8.74 2.97 -0.93
C ASN A 36 8.41 3.16 0.56
N LYS A 37 7.11 3.28 0.85
CA LYS A 37 6.65 3.47 2.22
C LYS A 37 7.01 2.25 3.08
N ARG A 38 6.83 1.06 2.53
CA ARG A 38 7.13 -0.17 3.24
C ARG A 38 8.09 -1.04 2.45
N ALA A 39 9.35 -1.04 2.85
CA ALA A 39 10.37 -1.82 2.17
C ALA A 39 11.12 -2.72 3.15
N LYS A 40 10.45 -3.09 4.24
CA LYS A 40 11.04 -3.95 5.25
C LYS A 40 10.07 -5.04 5.68
N ILE A 41 8.92 -4.64 6.21
CA ILE A 41 7.91 -5.58 6.66
C ILE A 41 8.43 -6.45 7.80
N LYS A 42 8.18 -6.01 9.03
CA LYS A 42 8.61 -6.74 10.21
C LYS A 42 7.47 -6.90 11.21
N LYS A 43 7.33 -8.11 11.75
CA LYS A 43 6.28 -8.39 12.72
C LYS A 43 6.76 -8.15 14.14
N SER A 44 5.88 -7.60 14.98
CA SER A 44 6.22 -7.31 16.36
C SER A 44 6.05 -8.54 17.24
N ALA A 1 -1.41 -18.83 16.22
CA ALA A 1 0.07 -18.89 16.27
C ALA A 1 0.68 -18.30 15.01
N LYS A 2 0.36 -18.91 13.87
CA LYS A 2 0.88 -18.45 12.58
C LYS A 2 0.05 -17.28 12.06
N ARG A 3 0.74 -16.24 11.57
CA ARG A 3 0.06 -15.06 11.04
C ARG A 3 -0.48 -15.33 9.63
N GLU A 4 -1.80 -15.27 9.49
CA GLU A 4 -2.43 -15.51 8.20
C GLU A 4 -3.46 -14.42 7.89
N PHE A 5 -2.99 -13.32 7.30
CA PHE A 5 -3.87 -12.21 6.95
C PHE A 5 -3.80 -11.91 5.46
N ASN A 6 -4.49 -10.85 5.04
CA ASN A 6 -4.50 -10.44 3.65
C ASN A 6 -3.24 -9.66 3.31
N GLU A 7 -2.40 -10.25 2.45
CA GLU A 7 -1.14 -9.61 2.05
C GLU A 7 -1.38 -8.57 0.95
N ASN A 8 -1.09 -7.31 1.27
CA ASN A 8 -1.27 -6.22 0.32
C ASN A 8 -2.65 -6.23 -0.32
N ARG A 9 -3.62 -6.53 0.51
CA ARG A 9 -5.02 -6.59 0.07
C ARG A 9 -5.92 -5.91 1.10
N TYR A 10 -5.71 -6.27 2.36
CA TYR A 10 -6.48 -5.73 3.47
C TYR A 10 -6.61 -4.21 3.39
N LEU A 11 -5.49 -3.54 3.12
CA LEU A 11 -5.47 -2.08 3.04
C LEU A 11 -5.01 -1.60 1.66
N THR A 12 -4.21 -2.42 0.98
CA THR A 12 -3.68 -2.06 -0.33
C THR A 12 -4.76 -1.43 -1.22
N GLU A 13 -5.61 -2.29 -1.80
CA GLU A 13 -6.67 -1.82 -2.70
C GLU A 13 -7.59 -0.81 -2.03
N ARG A 14 -7.83 -0.99 -0.74
CA ARG A 14 -8.72 -0.09 0.00
C ARG A 14 -8.14 1.32 0.09
N ARG A 15 -6.87 1.41 0.48
CA ARG A 15 -6.20 2.69 0.62
C ARG A 15 -5.72 3.21 -0.73
N ARG A 16 -5.37 2.29 -1.62
CA ARG A 16 -4.89 2.66 -2.95
C ARG A 16 -5.92 3.49 -3.70
N GLN A 17 -7.19 3.12 -3.56
CA GLN A 17 -8.27 3.83 -4.22
C GLN A 17 -8.48 5.21 -3.61
N GLN A 18 -8.41 5.28 -2.28
CA GLN A 18 -8.60 6.55 -1.57
C GLN A 18 -7.37 7.45 -1.70
N LEU A 19 -6.18 6.84 -1.68
CA LEU A 19 -4.94 7.59 -1.78
C LEU A 19 -4.85 8.27 -3.16
N SER A 20 -5.26 7.55 -4.19
CA SER A 20 -5.21 8.09 -5.54
C SER A 20 -6.10 9.33 -5.66
N SER A 21 -7.36 9.19 -5.24
CA SER A 21 -8.31 10.30 -5.28
C SER A 21 -7.95 11.39 -4.28
N GLU A 22 -7.58 10.97 -3.07
CA GLU A 22 -7.23 11.92 -2.01
C GLU A 22 -5.91 12.63 -2.29
N LEU A 23 -4.88 11.85 -2.61
CA LEU A 23 -3.56 12.42 -2.89
C LEU A 23 -3.46 12.87 -4.36
N GLY A 24 -4.40 12.43 -5.19
CA GLY A 24 -4.38 12.80 -6.59
C GLY A 24 -3.23 12.14 -7.32
N LEU A 25 -2.87 10.94 -6.88
CA LEU A 25 -1.76 10.20 -7.48
C LEU A 25 -2.28 9.10 -8.40
N ASN A 26 -1.43 8.71 -9.34
CA ASN A 26 -1.77 7.65 -10.28
C ASN A 26 -1.36 6.31 -9.67
N GLU A 27 -2.15 5.27 -9.94
CA GLU A 27 -1.85 3.94 -9.40
C GLU A 27 -0.39 3.59 -9.67
N ALA A 28 0.12 4.07 -10.79
CA ALA A 28 1.50 3.83 -11.18
C ALA A 28 2.46 4.40 -10.13
N GLN A 29 2.12 5.57 -9.61
CA GLN A 29 2.93 6.22 -8.59
C GLN A 29 2.67 5.55 -7.25
N ILE A 30 1.46 5.04 -7.11
CA ILE A 30 1.03 4.36 -5.90
C ILE A 30 1.82 3.07 -5.68
N LYS A 31 2.08 2.34 -6.76
CA LYS A 31 2.84 1.10 -6.68
C LYS A 31 4.19 1.37 -6.00
N ILE A 32 4.88 2.39 -6.50
CA ILE A 32 6.17 2.78 -5.95
C ILE A 32 5.97 3.38 -4.56
N TRP A 33 4.91 4.15 -4.45
CA TRP A 33 4.54 4.83 -3.22
C TRP A 33 4.40 3.81 -2.09
N PHE A 34 3.65 2.76 -2.36
CA PHE A 34 3.45 1.71 -1.37
C PHE A 34 4.73 0.92 -1.14
N GLN A 35 5.42 0.61 -2.22
CA GLN A 35 6.65 -0.14 -2.13
C GLN A 35 7.71 0.67 -1.37
N ASN A 36 7.64 2.00 -1.50
CA ASN A 36 8.58 2.87 -0.84
C ASN A 36 8.31 2.94 0.66
N LYS A 37 7.03 2.82 1.03
CA LYS A 37 6.63 2.88 2.43
C LYS A 37 7.09 1.63 3.17
N ARG A 38 7.15 0.51 2.46
CA ARG A 38 7.58 -0.75 3.06
C ARG A 38 9.06 -0.70 3.43
N ALA A 39 9.83 0.06 2.69
CA ALA A 39 11.26 0.19 2.96
C ALA A 39 11.58 1.54 3.60
N LYS A 40 10.62 2.08 4.33
CA LYS A 40 10.81 3.36 5.01
C LYS A 40 11.51 3.18 6.34
N ILE A 41 10.83 2.53 7.28
CA ILE A 41 11.40 2.29 8.61
C ILE A 41 11.80 3.60 9.28
N LYS A 42 10.96 4.07 10.20
CA LYS A 42 11.23 5.31 10.92
C LYS A 42 12.46 5.18 11.80
N LYS A 43 13.42 6.08 11.61
CA LYS A 43 14.66 6.05 12.38
C LYS A 43 14.84 7.36 13.14
N SER A 44 15.26 7.26 14.40
CA SER A 44 15.47 8.44 15.24
C SER A 44 16.67 9.24 14.74
N ALA A 1 -7.64 -21.77 4.10
CA ALA A 1 -6.80 -20.84 4.90
C ALA A 1 -5.59 -20.37 4.09
N LYS A 2 -4.86 -19.41 4.66
CA LYS A 2 -3.68 -18.86 3.99
C LYS A 2 -2.48 -18.89 4.93
N ARG A 3 -1.30 -19.19 4.36
CA ARG A 3 -0.07 -19.26 5.15
C ARG A 3 0.23 -17.90 5.78
N GLU A 4 -0.17 -16.83 5.11
CA GLU A 4 0.06 -15.48 5.61
C GLU A 4 -1.09 -14.55 5.24
N PHE A 5 -1.12 -13.38 5.87
CA PHE A 5 -2.17 -12.40 5.60
C PHE A 5 -2.19 -12.00 4.13
N ASN A 6 -3.04 -11.04 3.80
CA ASN A 6 -3.14 -10.55 2.44
C ASN A 6 -2.02 -9.57 2.12
N GLU A 7 -1.29 -9.83 1.04
CA GLU A 7 -0.19 -8.96 0.64
C GLU A 7 -0.64 -7.93 -0.38
N ASN A 8 -0.76 -6.68 0.04
CA ASN A 8 -1.19 -5.60 -0.83
C ASN A 8 -2.61 -5.84 -1.32
N ARG A 9 -3.43 -6.35 -0.43
CA ARG A 9 -4.82 -6.65 -0.73
C ARG A 9 -5.72 -6.27 0.45
N TYR A 10 -5.28 -6.64 1.65
CA TYR A 10 -6.01 -6.36 2.88
C TYR A 10 -6.34 -4.88 3.02
N LEU A 11 -5.34 -4.02 2.81
CA LEU A 11 -5.52 -2.60 2.95
C LEU A 11 -5.12 -1.86 1.68
N THR A 12 -4.01 -2.29 1.08
CA THR A 12 -3.50 -1.68 -0.15
C THR A 12 -4.62 -1.35 -1.13
N GLU A 13 -5.32 -2.38 -1.60
CA GLU A 13 -6.41 -2.20 -2.56
C GLU A 13 -7.43 -1.18 -2.07
N ARG A 14 -7.90 -1.32 -0.84
CA ARG A 14 -8.90 -0.42 -0.28
C ARG A 14 -8.33 1.00 -0.12
N ARG A 15 -7.15 1.10 0.46
CA ARG A 15 -6.51 2.39 0.68
C ARG A 15 -5.97 2.97 -0.62
N ARG A 16 -5.70 2.11 -1.60
CA ARG A 16 -5.17 2.55 -2.88
C ARG A 16 -6.15 3.51 -3.56
N GLN A 17 -7.43 3.18 -3.52
CA GLN A 17 -8.45 4.01 -4.14
C GLN A 17 -8.60 5.34 -3.41
N GLN A 18 -8.48 5.30 -2.08
CA GLN A 18 -8.59 6.50 -1.28
C GLN A 18 -7.34 7.36 -1.38
N LEU A 19 -6.18 6.72 -1.31
CA LEU A 19 -4.91 7.44 -1.40
C LEU A 19 -4.75 8.09 -2.77
N SER A 20 -5.17 7.37 -3.81
CA SER A 20 -5.09 7.88 -5.17
C SER A 20 -5.92 9.15 -5.32
N SER A 21 -7.17 9.09 -4.86
CA SER A 21 -8.07 10.23 -4.94
C SER A 21 -7.62 11.36 -4.02
N GLU A 22 -7.13 10.98 -2.84
CA GLU A 22 -6.67 11.96 -1.86
C GLU A 22 -5.39 12.65 -2.31
N LEU A 23 -4.43 11.85 -2.81
CA LEU A 23 -3.16 12.40 -3.26
C LEU A 23 -3.25 12.88 -4.70
N GLY A 24 -4.25 12.40 -5.44
CA GLY A 24 -4.42 12.81 -6.82
C GLY A 24 -3.34 12.27 -7.73
N LEU A 25 -2.74 11.15 -7.34
CA LEU A 25 -1.67 10.55 -8.15
C LEU A 25 -2.17 9.28 -8.83
N ASN A 26 -1.42 8.84 -9.83
CA ASN A 26 -1.77 7.63 -10.57
C ASN A 26 -1.30 6.39 -9.83
N GLU A 27 -2.03 5.30 -10.00
CA GLU A 27 -1.69 4.04 -9.34
C GLU A 27 -0.23 3.68 -9.59
N ALA A 28 0.29 4.13 -10.74
CA ALA A 28 1.68 3.87 -11.09
C ALA A 28 2.59 4.45 -10.02
N GLN A 29 2.17 5.58 -9.47
CA GLN A 29 2.90 6.23 -8.40
C GLN A 29 2.60 5.52 -7.10
N ILE A 30 1.41 4.94 -7.04
CA ILE A 30 0.96 4.20 -5.87
C ILE A 30 1.82 2.96 -5.65
N LYS A 31 2.13 2.26 -6.74
CA LYS A 31 2.98 1.07 -6.64
C LYS A 31 4.31 1.45 -6.01
N ILE A 32 4.87 2.54 -6.49
CA ILE A 32 6.13 3.07 -5.98
C ILE A 32 5.92 3.60 -4.56
N TRP A 33 4.80 4.26 -4.39
CA TRP A 33 4.42 4.87 -3.12
C TRP A 33 4.31 3.80 -2.03
N PHE A 34 3.57 2.75 -2.33
CA PHE A 34 3.38 1.66 -1.39
C PHE A 34 4.66 0.87 -1.19
N GLN A 35 5.35 0.61 -2.29
CA GLN A 35 6.59 -0.13 -2.24
C GLN A 35 7.65 0.67 -1.49
N ASN A 36 7.58 2.00 -1.59
CA ASN A 36 8.54 2.87 -0.92
C ASN A 36 8.20 3.02 0.57
N LYS A 37 6.92 3.19 0.86
CA LYS A 37 6.46 3.33 2.24
C LYS A 37 6.72 2.07 3.04
N ARG A 38 6.70 0.92 2.36
CA ARG A 38 6.94 -0.36 3.02
C ARG A 38 8.41 -0.75 2.97
N ALA A 39 9.28 0.22 2.71
CA ALA A 39 10.71 -0.02 2.65
C ALA A 39 11.39 0.26 3.99
N LYS A 40 10.63 0.14 5.08
CA LYS A 40 11.16 0.39 6.41
C LYS A 40 10.09 0.13 7.47
N ILE A 41 8.86 0.57 7.19
CA ILE A 41 7.75 0.38 8.12
C ILE A 41 8.07 0.97 9.48
N LYS A 42 7.54 2.17 9.75
CA LYS A 42 7.77 2.84 11.02
C LYS A 42 6.51 2.80 11.89
N LYS A 43 6.58 2.05 12.98
CA LYS A 43 5.45 1.92 13.90
C LYS A 43 5.81 2.44 15.28
N SER A 44 6.83 1.85 15.89
CA SER A 44 7.28 2.26 17.21
C SER A 44 8.35 3.34 17.12
N ALA A 1 -14.08 -13.71 14.82
CA ALA A 1 -13.06 -14.79 14.78
C ALA A 1 -12.04 -14.53 13.68
N LYS A 2 -10.97 -15.32 13.68
CA LYS A 2 -9.91 -15.17 12.68
C LYS A 2 -9.85 -16.39 11.77
N ARG A 3 -10.37 -16.26 10.57
CA ARG A 3 -10.38 -17.36 9.61
C ARG A 3 -9.39 -17.08 8.47
N GLU A 4 -9.77 -16.17 7.58
CA GLU A 4 -8.92 -15.83 6.44
C GLU A 4 -9.02 -14.33 6.14
N PHE A 5 -7.94 -13.60 6.40
CA PHE A 5 -7.90 -12.18 6.15
C PHE A 5 -7.90 -11.86 4.66
N ASN A 6 -7.91 -10.58 4.33
CA ASN A 6 -7.90 -10.14 2.94
C ASN A 6 -6.47 -10.06 2.40
N GLU A 7 -6.26 -10.61 1.21
CA GLU A 7 -4.93 -10.60 0.59
C GLU A 7 -4.74 -9.34 -0.26
N ASN A 8 -4.11 -8.33 0.33
CA ASN A 8 -3.87 -7.06 -0.37
C ASN A 8 -5.17 -6.41 -0.79
N ARG A 9 -6.15 -6.51 0.09
CA ARG A 9 -7.46 -5.94 -0.14
C ARG A 9 -7.89 -5.10 1.06
N TYR A 10 -7.63 -5.63 2.25
CA TYR A 10 -7.97 -4.99 3.51
C TYR A 10 -7.49 -3.53 3.54
N LEU A 11 -6.23 -3.30 3.19
CA LEU A 11 -5.67 -1.95 3.21
C LEU A 11 -5.06 -1.58 1.85
N THR A 12 -4.64 -2.57 1.09
CA THR A 12 -4.04 -2.30 -0.21
C THR A 12 -5.03 -1.61 -1.14
N GLU A 13 -5.94 -2.39 -1.70
CA GLU A 13 -6.96 -1.87 -2.62
C GLU A 13 -7.86 -0.85 -1.94
N ARG A 14 -8.12 -1.05 -0.65
CA ARG A 14 -8.98 -0.14 0.10
C ARG A 14 -8.36 1.24 0.23
N ARG A 15 -7.09 1.28 0.65
CA ARG A 15 -6.40 2.55 0.82
C ARG A 15 -5.90 3.09 -0.52
N ARG A 16 -5.59 2.19 -1.45
CA ARG A 16 -5.10 2.58 -2.77
C ARG A 16 -6.13 3.43 -3.51
N GLN A 17 -7.40 3.05 -3.41
CA GLN A 17 -8.47 3.78 -4.06
C GLN A 17 -8.60 5.18 -3.49
N GLN A 18 -8.59 5.29 -2.16
CA GLN A 18 -8.72 6.58 -1.49
C GLN A 18 -7.43 7.38 -1.58
N LEU A 19 -6.30 6.69 -1.49
CA LEU A 19 -5.00 7.34 -1.55
C LEU A 19 -4.77 7.99 -2.92
N SER A 20 -5.24 7.31 -3.97
CA SER A 20 -5.10 7.83 -5.32
C SER A 20 -5.88 9.13 -5.49
N SER A 21 -7.16 9.09 -5.14
CA SER A 21 -8.03 10.25 -5.24
C SER A 21 -7.63 11.33 -4.22
N GLU A 22 -7.25 10.90 -3.03
CA GLU A 22 -6.86 11.82 -1.97
C GLU A 22 -5.59 12.58 -2.34
N LEU A 23 -4.58 11.85 -2.80
CA LEU A 23 -3.31 12.47 -3.18
C LEU A 23 -3.36 12.98 -4.62
N GLY A 24 -4.29 12.46 -5.40
CA GLY A 24 -4.42 12.88 -6.78
C GLY A 24 -3.35 12.28 -7.67
N LEU A 25 -2.83 11.13 -7.27
CA LEU A 25 -1.80 10.44 -8.05
C LEU A 25 -2.34 9.18 -8.69
N ASN A 26 -1.64 8.71 -9.72
CA ASN A 26 -2.04 7.50 -10.43
C ASN A 26 -1.45 6.27 -9.75
N GLU A 27 -2.08 5.12 -9.97
CA GLU A 27 -1.62 3.87 -9.37
C GLU A 27 -0.15 3.63 -9.65
N ALA A 28 0.32 4.16 -10.78
CA ALA A 28 1.72 4.01 -11.14
C ALA A 28 2.61 4.61 -10.06
N GLN A 29 2.12 5.67 -9.44
CA GLN A 29 2.82 6.33 -8.35
C GLN A 29 2.59 5.55 -7.07
N ILE A 30 1.44 4.89 -7.02
CA ILE A 30 1.04 4.10 -5.88
C ILE A 30 1.97 2.90 -5.68
N LYS A 31 2.38 2.28 -6.79
CA LYS A 31 3.29 1.13 -6.72
C LYS A 31 4.57 1.54 -6.01
N ILE A 32 5.14 2.64 -6.46
CA ILE A 32 6.37 3.18 -5.86
C ILE A 32 6.07 3.70 -4.46
N TRP A 33 4.95 4.37 -4.34
CA TRP A 33 4.50 4.95 -3.08
C TRP A 33 4.39 3.88 -2.01
N PHE A 34 3.71 2.81 -2.35
CA PHE A 34 3.54 1.69 -1.42
C PHE A 34 4.85 0.97 -1.20
N GLN A 35 5.58 0.74 -2.27
CA GLN A 35 6.86 0.05 -2.17
C GLN A 35 7.86 0.90 -1.39
N ASN A 36 7.73 2.22 -1.48
CA ASN A 36 8.62 3.13 -0.78
C ASN A 36 8.37 3.07 0.73
N LYS A 37 7.10 3.05 1.11
CA LYS A 37 6.73 3.00 2.52
C LYS A 37 7.07 1.65 3.12
N ARG A 38 6.78 0.59 2.38
CA ARG A 38 7.06 -0.77 2.83
C ARG A 38 7.79 -1.57 1.76
N ALA A 39 9.11 -1.67 1.93
CA ALA A 39 9.93 -2.41 0.97
C ALA A 39 10.08 -3.87 1.37
N LYS A 40 8.97 -4.58 1.34
CA LYS A 40 8.96 -6.00 1.70
C LYS A 40 9.45 -6.20 3.13
N ILE A 41 9.01 -5.33 4.03
CA ILE A 41 9.40 -5.40 5.43
C ILE A 41 10.90 -5.18 5.59
N LYS A 42 11.27 -3.95 5.96
CA LYS A 42 12.67 -3.61 6.16
C LYS A 42 13.46 -3.79 4.86
N LYS A 43 14.75 -3.49 4.92
CA LYS A 43 15.61 -3.61 3.75
C LYS A 43 16.63 -4.73 3.93
N SER A 44 17.43 -4.64 4.98
CA SER A 44 18.44 -5.65 5.28
C SER A 44 17.79 -6.97 5.66
N ALA A 1 -4.39 -11.74 19.83
CA ALA A 1 -3.28 -12.60 19.32
C ALA A 1 -3.44 -12.89 17.83
N LYS A 2 -2.50 -12.37 17.04
CA LYS A 2 -2.53 -12.56 15.60
C LYS A 2 -1.40 -13.47 15.14
N ARG A 3 -1.42 -13.85 13.87
CA ARG A 3 -0.39 -14.72 13.31
C ARG A 3 -0.15 -14.39 11.84
N GLU A 4 -1.18 -14.57 11.02
CA GLU A 4 -1.08 -14.30 9.60
C GLU A 4 -2.18 -13.36 9.13
N PHE A 5 -1.86 -12.51 8.15
CA PHE A 5 -2.82 -11.56 7.61
C PHE A 5 -2.66 -11.44 6.10
N ASN A 6 -3.45 -10.53 5.51
CA ASN A 6 -3.39 -10.31 4.07
C ASN A 6 -2.25 -9.37 3.71
N GLU A 7 -1.09 -9.95 3.41
CA GLU A 7 0.07 -9.15 3.05
C GLU A 7 -0.24 -8.28 1.83
N ASN A 8 -0.39 -6.99 2.07
CA ASN A 8 -0.72 -6.06 1.00
C ASN A 8 -2.00 -6.51 0.31
N ARG A 9 -3.10 -6.12 0.88
CA ARG A 9 -4.43 -6.48 0.37
C ARG A 9 -5.49 -5.65 1.06
N TYR A 10 -5.72 -5.98 2.33
CA TYR A 10 -6.69 -5.27 3.15
C TYR A 10 -6.58 -3.75 2.94
N LEU A 11 -5.76 -3.11 3.77
CA LEU A 11 -5.52 -1.68 3.69
C LEU A 11 -5.07 -1.29 2.28
N THR A 12 -4.37 -2.20 1.62
CA THR A 12 -3.86 -1.96 0.28
C THR A 12 -4.98 -1.50 -0.67
N GLU A 13 -5.66 -2.46 -1.30
CA GLU A 13 -6.74 -2.16 -2.24
C GLU A 13 -7.74 -1.16 -1.67
N ARG A 14 -8.00 -1.25 -0.37
CA ARG A 14 -8.96 -0.35 0.27
C ARG A 14 -8.44 1.08 0.32
N ARG A 15 -7.20 1.26 0.77
CA ARG A 15 -6.59 2.58 0.87
C ARG A 15 -6.07 3.07 -0.48
N ARG A 16 -5.77 2.13 -1.38
CA ARG A 16 -5.26 2.47 -2.69
C ARG A 16 -6.23 3.36 -3.46
N GLN A 17 -7.52 3.03 -3.36
CA GLN A 17 -8.56 3.79 -4.05
C GLN A 17 -8.68 5.19 -3.46
N GLN A 18 -8.64 5.27 -2.13
CA GLN A 18 -8.76 6.55 -1.45
C GLN A 18 -7.49 7.37 -1.55
N LEU A 19 -6.34 6.71 -1.47
CA LEU A 19 -5.06 7.39 -1.56
C LEU A 19 -4.86 8.05 -2.93
N SER A 20 -5.29 7.34 -3.97
CA SER A 20 -5.17 7.86 -5.33
C SER A 20 -5.98 9.15 -5.48
N SER A 21 -7.25 9.10 -5.09
CA SER A 21 -8.12 10.26 -5.17
C SER A 21 -7.71 11.36 -4.21
N GLU A 22 -7.28 10.97 -3.01
CA GLU A 22 -6.86 11.94 -1.99
C GLU A 22 -5.62 12.70 -2.43
N LEU A 23 -4.61 11.98 -2.88
CA LEU A 23 -3.36 12.60 -3.32
C LEU A 23 -3.45 13.05 -4.78
N GLY A 24 -4.39 12.48 -5.52
CA GLY A 24 -4.55 12.84 -6.92
C GLY A 24 -3.42 12.31 -7.77
N LEU A 25 -2.84 11.19 -7.36
CA LEU A 25 -1.74 10.58 -8.10
C LEU A 25 -2.20 9.33 -8.83
N ASN A 26 -1.42 8.89 -9.80
CA ASN A 26 -1.74 7.70 -10.57
C ASN A 26 -1.24 6.46 -9.86
N GLU A 27 -1.92 5.34 -10.09
CA GLU A 27 -1.53 4.07 -9.47
C GLU A 27 -0.05 3.79 -9.73
N ALA A 28 0.46 4.28 -10.84
CA ALA A 28 1.86 4.09 -11.20
C ALA A 28 2.74 4.67 -10.10
N GLN A 29 2.28 5.75 -9.50
CA GLN A 29 2.98 6.40 -8.40
C GLN A 29 2.70 5.63 -7.12
N ILE A 30 1.53 5.00 -7.08
CA ILE A 30 1.09 4.23 -5.94
C ILE A 30 1.99 3.00 -5.73
N LYS A 31 2.39 2.36 -6.82
CA LYS A 31 3.25 1.18 -6.74
C LYS A 31 4.54 1.54 -6.02
N ILE A 32 5.16 2.63 -6.46
CA ILE A 32 6.39 3.13 -5.85
C ILE A 32 6.10 3.66 -4.45
N TRP A 33 4.99 4.36 -4.35
CA TRP A 33 4.55 4.95 -3.08
C TRP A 33 4.39 3.88 -2.02
N PHE A 34 3.65 2.83 -2.38
CA PHE A 34 3.42 1.72 -1.46
C PHE A 34 4.69 0.92 -1.25
N GLN A 35 5.39 0.68 -2.34
CA GLN A 35 6.62 -0.08 -2.28
C GLN A 35 7.69 0.69 -1.50
N ASN A 36 7.63 2.02 -1.56
CA ASN A 36 8.59 2.85 -0.85
C ASN A 36 8.28 2.89 0.64
N LYS A 37 7.00 2.78 0.98
CA LYS A 37 6.57 2.81 2.36
C LYS A 37 7.00 1.54 3.09
N ARG A 38 6.84 0.40 2.42
CA ARG A 38 7.21 -0.89 3.00
C ARG A 38 8.61 -1.31 2.56
N ALA A 39 9.38 -0.36 2.02
CA ALA A 39 10.73 -0.65 1.57
C ALA A 39 11.72 -0.59 2.73
N LYS A 40 11.43 0.25 3.71
CA LYS A 40 12.29 0.40 4.87
C LYS A 40 11.64 -0.19 6.11
N ILE A 41 10.31 -0.12 6.17
CA ILE A 41 9.57 -0.65 7.31
C ILE A 41 9.91 0.10 8.59
N LYS A 42 9.06 1.06 8.94
CA LYS A 42 9.27 1.86 10.15
C LYS A 42 8.02 1.88 11.01
N LYS A 43 8.09 1.24 12.18
CA LYS A 43 6.95 1.18 13.09
C LYS A 43 7.42 1.06 14.54
N SER A 44 6.80 1.84 15.43
CA SER A 44 7.16 1.82 16.84
C SER A 44 5.91 1.71 17.71
N ALA A 1 4.65 -20.96 6.33
CA ALA A 1 3.16 -20.89 6.50
C ALA A 1 2.80 -20.04 7.70
N LYS A 2 3.66 -19.08 8.04
CA LYS A 2 3.42 -18.20 9.17
C LYS A 2 2.56 -17.01 8.75
N ARG A 3 1.26 -17.10 9.05
CA ARG A 3 0.33 -16.02 8.70
C ARG A 3 0.72 -14.72 9.38
N GLU A 4 0.31 -13.61 8.78
CA GLU A 4 0.62 -12.29 9.34
C GLU A 4 -0.45 -11.27 8.95
N PHE A 5 -1.61 -11.39 9.56
CA PHE A 5 -2.74 -10.49 9.29
C PHE A 5 -2.93 -10.25 7.80
N ASN A 6 -3.81 -9.33 7.45
CA ASN A 6 -4.10 -9.01 6.06
C ASN A 6 -2.84 -8.53 5.34
N GLU A 7 -2.22 -9.43 4.59
CA GLU A 7 -1.02 -9.10 3.83
C GLU A 7 -1.38 -8.30 2.59
N ASN A 8 -1.41 -6.98 2.73
CA ASN A 8 -1.75 -6.09 1.63
C ASN A 8 -3.16 -6.37 1.15
N ARG A 9 -4.11 -5.95 1.95
CA ARG A 9 -5.54 -6.14 1.66
C ARG A 9 -6.38 -5.14 2.45
N TYR A 10 -6.32 -5.27 3.77
CA TYR A 10 -7.06 -4.41 4.68
C TYR A 10 -6.76 -2.93 4.47
N LEU A 11 -5.66 -2.66 3.79
CA LEU A 11 -5.24 -1.28 3.55
C LEU A 11 -4.77 -1.09 2.12
N THR A 12 -4.08 -2.08 1.59
CA THR A 12 -3.57 -2.01 0.23
C THR A 12 -4.63 -1.54 -0.75
N GLU A 13 -5.46 -2.47 -1.23
CA GLU A 13 -6.52 -2.16 -2.19
C GLU A 13 -7.55 -1.18 -1.62
N ARG A 14 -7.83 -1.29 -0.33
CA ARG A 14 -8.81 -0.42 0.31
C ARG A 14 -8.33 1.03 0.36
N ARG A 15 -7.11 1.23 0.82
CA ARG A 15 -6.55 2.58 0.92
C ARG A 15 -6.03 3.07 -0.43
N ARG A 16 -5.71 2.14 -1.31
CA ARG A 16 -5.19 2.49 -2.64
C ARG A 16 -6.20 3.35 -3.40
N GLN A 17 -7.48 3.02 -3.26
CA GLN A 17 -8.54 3.75 -3.94
C GLN A 17 -8.65 5.18 -3.42
N GLN A 18 -8.64 5.33 -2.10
CA GLN A 18 -8.74 6.65 -1.48
C GLN A 18 -7.43 7.42 -1.58
N LEU A 19 -6.32 6.70 -1.46
CA LEU A 19 -5.00 7.32 -1.53
C LEU A 19 -4.75 7.93 -2.90
N SER A 20 -5.23 7.24 -3.93
CA SER A 20 -5.06 7.71 -5.31
C SER A 20 -5.83 9.02 -5.52
N SER A 21 -7.11 9.00 -5.20
CA SER A 21 -7.96 10.16 -5.36
C SER A 21 -7.59 11.26 -4.37
N GLU A 22 -7.25 10.86 -3.14
CA GLU A 22 -6.90 11.82 -2.09
C GLU A 22 -5.61 12.57 -2.43
N LEU A 23 -4.60 11.85 -2.89
CA LEU A 23 -3.32 12.45 -3.22
C LEU A 23 -3.33 13.01 -4.65
N GLY A 24 -4.25 12.52 -5.47
CA GLY A 24 -4.33 12.99 -6.84
C GLY A 24 -3.27 12.40 -7.74
N LEU A 25 -2.65 11.30 -7.29
CA LEU A 25 -1.61 10.65 -8.07
C LEU A 25 -2.15 9.40 -8.76
N ASN A 26 -1.45 8.93 -9.77
CA ASN A 26 -1.86 7.75 -10.51
C ASN A 26 -1.33 6.49 -9.84
N GLU A 27 -2.03 5.38 -10.03
CA GLU A 27 -1.65 4.09 -9.45
C GLU A 27 -0.17 3.82 -9.74
N ALA A 28 0.31 4.34 -10.86
CA ALA A 28 1.70 4.16 -11.26
C ALA A 28 2.60 4.71 -10.16
N GLN A 29 2.17 5.80 -9.54
CA GLN A 29 2.90 6.41 -8.45
C GLN A 29 2.63 5.63 -7.17
N ILE A 30 1.46 5.00 -7.12
CA ILE A 30 1.04 4.22 -5.98
C ILE A 30 1.93 2.99 -5.80
N LYS A 31 2.31 2.36 -6.92
CA LYS A 31 3.17 1.19 -6.88
C LYS A 31 4.46 1.53 -6.15
N ILE A 32 5.09 2.61 -6.58
CA ILE A 32 6.33 3.09 -5.97
C ILE A 32 6.06 3.61 -4.57
N TRP A 33 4.96 4.35 -4.46
CA TRP A 33 4.54 4.95 -3.20
C TRP A 33 4.40 3.89 -2.13
N PHE A 34 3.69 2.82 -2.47
CA PHE A 34 3.49 1.73 -1.55
C PHE A 34 4.78 0.96 -1.32
N GLN A 35 5.51 0.73 -2.41
CA GLN A 35 6.75 0.01 -2.32
C GLN A 35 7.76 0.77 -1.45
N ASN A 36 7.65 2.11 -1.46
CA ASN A 36 8.54 2.94 -0.66
C ASN A 36 8.15 2.92 0.81
N LYS A 37 6.84 2.87 1.06
CA LYS A 37 6.32 2.84 2.43
C LYS A 37 6.58 1.49 3.08
N ARG A 38 6.52 0.44 2.27
CA ARG A 38 6.74 -0.92 2.77
C ARG A 38 8.20 -1.13 3.17
N ALA A 39 9.10 -0.40 2.50
CA ALA A 39 10.53 -0.51 2.79
C ALA A 39 10.87 0.06 4.17
N LYS A 40 9.97 0.90 4.70
CA LYS A 40 10.18 1.51 6.00
C LYS A 40 9.72 0.59 7.13
N ILE A 41 10.36 -0.57 7.23
CA ILE A 41 10.02 -1.54 8.26
C ILE A 41 11.27 -2.17 8.86
N LYS A 42 11.82 -1.52 9.87
CA LYS A 42 13.02 -2.02 10.53
C LYS A 42 12.95 -1.82 12.05
N LYS A 43 12.48 -2.84 12.75
CA LYS A 43 12.34 -2.77 14.21
C LYS A 43 12.90 -4.03 14.87
N SER A 44 12.38 -5.19 14.45
CA SER A 44 12.81 -6.47 15.00
C SER A 44 13.56 -7.29 13.95
N ALA A 1 0.52 -17.24 5.35
CA ALA A 1 0.98 -18.64 5.54
C ALA A 1 1.58 -19.20 4.25
N LYS A 2 0.88 -19.00 3.15
CA LYS A 2 1.34 -19.47 1.84
C LYS A 2 0.53 -18.84 0.72
N ARG A 3 1.23 -18.49 -0.37
CA ARG A 3 0.58 -17.88 -1.53
C ARG A 3 -0.01 -16.52 -1.16
N GLU A 4 -1.17 -16.53 -0.53
CA GLU A 4 -1.84 -15.30 -0.12
C GLU A 4 -1.08 -14.63 1.02
N PHE A 5 -0.83 -13.33 0.87
CA PHE A 5 -0.10 -12.57 1.89
C PHE A 5 -1.00 -11.52 2.55
N ASN A 6 -0.45 -10.86 3.55
CA ASN A 6 -1.16 -9.81 4.27
C ASN A 6 -0.29 -8.57 4.39
N GLU A 7 0.52 -8.38 3.38
CA GLU A 7 1.43 -7.25 3.32
C GLU A 7 0.89 -6.16 2.38
N ASN A 8 0.09 -6.58 1.40
CA ASN A 8 -0.50 -5.64 0.47
C ASN A 8 -1.79 -6.20 -0.15
N ARG A 9 -2.91 -5.83 0.45
CA ARG A 9 -4.23 -6.27 -0.01
C ARG A 9 -5.29 -5.74 0.94
N TYR A 10 -5.31 -6.32 2.13
CA TYR A 10 -6.23 -5.95 3.20
C TYR A 10 -6.47 -4.45 3.22
N LEU A 11 -5.40 -3.69 3.04
CA LEU A 11 -5.46 -2.24 3.05
C LEU A 11 -4.96 -1.65 1.74
N THR A 12 -4.23 -2.46 0.97
CA THR A 12 -3.69 -2.01 -0.30
C THR A 12 -4.78 -1.43 -1.21
N GLU A 13 -5.52 -2.32 -1.87
CA GLU A 13 -6.59 -1.91 -2.78
C GLU A 13 -7.63 -1.02 -2.08
N ARG A 14 -7.89 -1.30 -0.82
CA ARG A 14 -8.87 -0.51 -0.06
C ARG A 14 -8.41 0.94 0.07
N ARG A 15 -7.16 1.12 0.49
CA ARG A 15 -6.61 2.46 0.67
C ARG A 15 -6.15 3.04 -0.66
N ARG A 16 -5.86 2.17 -1.63
CA ARG A 16 -5.40 2.60 -2.94
C ARG A 16 -6.42 3.54 -3.61
N GLN A 17 -7.69 3.18 -3.48
CA GLN A 17 -8.76 3.99 -4.07
C GLN A 17 -8.82 5.38 -3.44
N GLN A 18 -8.72 5.42 -2.11
CA GLN A 18 -8.78 6.68 -1.38
C GLN A 18 -7.47 7.46 -1.50
N LEU A 19 -6.34 6.76 -1.43
CA LEU A 19 -5.03 7.40 -1.51
C LEU A 19 -4.82 8.06 -2.88
N SER A 20 -5.25 7.38 -3.93
CA SER A 20 -5.10 7.91 -5.28
C SER A 20 -5.90 9.20 -5.45
N SER A 21 -7.15 9.18 -4.98
CA SER A 21 -8.03 10.34 -5.08
C SER A 21 -7.56 11.47 -4.17
N GLU A 22 -7.22 11.15 -2.93
CA GLU A 22 -6.78 12.15 -1.96
C GLU A 22 -5.48 12.81 -2.40
N LEU A 23 -4.52 11.99 -2.85
CA LEU A 23 -3.23 12.50 -3.29
C LEU A 23 -3.28 12.94 -4.76
N GLY A 24 -4.29 12.48 -5.48
CA GLY A 24 -4.41 12.86 -6.88
C GLY A 24 -3.34 12.23 -7.74
N LEU A 25 -2.87 11.05 -7.34
CA LEU A 25 -1.82 10.34 -8.07
C LEU A 25 -2.37 9.05 -8.68
N ASN A 26 -1.69 8.57 -9.70
CA ASN A 26 -2.10 7.34 -10.37
C ASN A 26 -1.52 6.12 -9.66
N GLU A 27 -2.16 4.97 -9.82
CA GLU A 27 -1.69 3.74 -9.21
C GLU A 27 -0.22 3.51 -9.50
N ALA A 28 0.22 4.01 -10.66
CA ALA A 28 1.62 3.88 -11.06
C ALA A 28 2.52 4.51 -10.01
N GLN A 29 2.04 5.60 -9.43
CA GLN A 29 2.77 6.28 -8.37
C GLN A 29 2.56 5.55 -7.05
N ILE A 30 1.42 4.88 -6.96
CA ILE A 30 1.06 4.11 -5.78
C ILE A 30 2.00 2.93 -5.59
N LYS A 31 2.39 2.28 -6.69
CA LYS A 31 3.30 1.15 -6.63
C LYS A 31 4.60 1.56 -5.97
N ILE A 32 5.16 2.66 -6.46
CA ILE A 32 6.41 3.19 -5.92
C ILE A 32 6.17 3.75 -4.52
N TRP A 33 5.07 4.47 -4.39
CA TRP A 33 4.68 5.09 -3.13
C TRP A 33 4.55 4.03 -2.04
N PHE A 34 3.80 2.99 -2.34
CA PHE A 34 3.59 1.90 -1.40
C PHE A 34 4.87 1.11 -1.19
N GLN A 35 5.56 0.84 -2.29
CA GLN A 35 6.81 0.09 -2.21
C GLN A 35 7.84 0.87 -1.40
N ASN A 36 7.76 2.20 -1.46
CA ASN A 36 8.69 3.04 -0.73
C ASN A 36 8.39 3.01 0.76
N LYS A 37 7.11 2.90 1.11
CA LYS A 37 6.69 2.86 2.50
C LYS A 37 7.11 1.54 3.15
N ARG A 38 6.91 0.44 2.45
CA ARG A 38 7.28 -0.88 2.97
C ARG A 38 8.21 -1.60 1.99
N ALA A 39 9.51 -1.57 2.31
CA ALA A 39 10.50 -2.22 1.47
C ALA A 39 11.25 -3.31 2.24
N LYS A 40 12.01 -2.89 3.25
CA LYS A 40 12.77 -3.83 4.06
C LYS A 40 12.70 -3.45 5.54
N ILE A 41 11.62 -3.85 6.20
CA ILE A 41 11.43 -3.56 7.61
C ILE A 41 10.98 -4.79 8.38
N LYS A 42 11.94 -5.62 8.77
CA LYS A 42 11.64 -6.85 9.51
C LYS A 42 10.74 -7.76 8.70
N LYS A 43 10.76 -9.06 9.03
CA LYS A 43 9.95 -10.04 8.33
C LYS A 43 8.50 -9.99 8.80
N SER A 44 7.61 -9.57 7.92
CA SER A 44 6.20 -9.48 8.25
C SER A 44 5.36 -9.18 7.00
N ALA A 1 7.22 -18.69 -6.43
CA ALA A 1 7.92 -17.68 -5.61
C ALA A 1 6.96 -16.60 -5.13
N LYS A 2 5.70 -16.98 -4.96
CA LYS A 2 4.67 -16.04 -4.50
C LYS A 2 3.79 -16.68 -3.43
N ARG A 3 3.40 -15.89 -2.44
CA ARG A 3 2.55 -16.37 -1.36
C ARG A 3 1.57 -15.31 -0.91
N GLU A 4 0.44 -15.73 -0.36
CA GLU A 4 -0.59 -14.81 0.11
C GLU A 4 -0.04 -13.91 1.22
N PHE A 5 -0.85 -12.95 1.64
CA PHE A 5 -0.45 -12.01 2.69
C PHE A 5 -1.63 -11.17 3.15
N ASN A 6 -1.43 -10.43 4.24
CA ASN A 6 -2.46 -9.57 4.79
C ASN A 6 -1.92 -8.17 5.04
N GLU A 7 -1.00 -7.77 4.19
CA GLU A 7 -0.36 -6.47 4.28
C GLU A 7 -0.43 -5.72 2.95
N ASN A 8 -1.11 -6.29 1.96
CA ASN A 8 -1.23 -5.66 0.66
C ASN A 8 -2.55 -6.02 0.00
N ARG A 9 -3.56 -6.16 0.83
CA ARG A 9 -4.91 -6.51 0.39
C ARG A 9 -5.95 -5.84 1.27
N TYR A 10 -5.93 -6.20 2.54
CA TYR A 10 -6.84 -5.65 3.53
C TYR A 10 -6.87 -4.13 3.52
N LEU A 11 -5.82 -3.54 2.95
CA LEU A 11 -5.69 -2.09 2.90
C LEU A 11 -5.26 -1.61 1.52
N THR A 12 -4.51 -2.44 0.81
CA THR A 12 -4.01 -2.08 -0.51
C THR A 12 -5.11 -1.49 -1.40
N GLU A 13 -5.94 -2.35 -1.96
CA GLU A 13 -7.03 -1.92 -2.85
C GLU A 13 -7.99 -0.95 -2.16
N ARG A 14 -8.31 -1.21 -0.90
CA ARG A 14 -9.22 -0.36 -0.15
C ARG A 14 -8.66 1.05 0.02
N ARG A 15 -7.40 1.12 0.45
CA ARG A 15 -6.72 2.39 0.67
C ARG A 15 -6.23 3.00 -0.66
N ARG A 16 -6.02 2.14 -1.64
CA ARG A 16 -5.52 2.59 -2.94
C ARG A 16 -6.49 3.58 -3.58
N GLN A 17 -7.79 3.29 -3.47
CA GLN A 17 -8.81 4.15 -4.05
C GLN A 17 -8.79 5.53 -3.40
N GLN A 18 -8.71 5.55 -2.08
CA GLN A 18 -8.70 6.80 -1.33
C GLN A 18 -7.36 7.52 -1.44
N LEU A 19 -6.27 6.76 -1.39
CA LEU A 19 -4.94 7.34 -1.48
C LEU A 19 -4.72 7.99 -2.85
N SER A 20 -5.19 7.34 -3.90
CA SER A 20 -5.04 7.86 -5.24
C SER A 20 -5.85 9.14 -5.42
N SER A 21 -7.12 9.09 -5.03
CA SER A 21 -8.01 10.24 -5.14
C SER A 21 -7.60 11.35 -4.17
N GLU A 22 -7.23 10.96 -2.96
CA GLU A 22 -6.83 11.91 -1.93
C GLU A 22 -5.53 12.63 -2.31
N LEU A 23 -4.55 11.87 -2.76
CA LEU A 23 -3.26 12.43 -3.16
C LEU A 23 -3.29 12.93 -4.60
N GLY A 24 -4.27 12.44 -5.37
CA GLY A 24 -4.37 12.85 -6.75
C GLY A 24 -3.28 12.24 -7.62
N LEU A 25 -2.84 11.05 -7.25
CA LEU A 25 -1.80 10.36 -8.00
C LEU A 25 -2.34 9.08 -8.63
N ASN A 26 -1.65 8.61 -9.67
CA ASN A 26 -2.06 7.40 -10.36
C ASN A 26 -1.49 6.16 -9.67
N GLU A 27 -2.14 5.03 -9.86
CA GLU A 27 -1.70 3.77 -9.26
C GLU A 27 -0.23 3.52 -9.57
N ALA A 28 0.21 4.02 -10.72
CA ALA A 28 1.60 3.86 -11.14
C ALA A 28 2.52 4.47 -10.09
N GLN A 29 2.07 5.57 -9.50
CA GLN A 29 2.81 6.24 -8.45
C GLN A 29 2.60 5.50 -7.13
N ILE A 30 1.46 4.84 -7.04
CA ILE A 30 1.08 4.07 -5.85
C ILE A 30 2.02 2.88 -5.66
N LYS A 31 2.39 2.23 -6.77
CA LYS A 31 3.29 1.09 -6.70
C LYS A 31 4.59 1.49 -6.02
N ILE A 32 5.17 2.58 -6.52
CA ILE A 32 6.42 3.11 -5.95
C ILE A 32 6.16 3.67 -4.57
N TRP A 33 5.06 4.39 -4.45
CA TRP A 33 4.65 5.01 -3.20
C TRP A 33 4.56 3.98 -2.10
N PHE A 34 3.86 2.89 -2.39
CA PHE A 34 3.72 1.80 -1.44
C PHE A 34 5.04 1.08 -1.24
N GLN A 35 5.73 0.84 -2.35
CA GLN A 35 7.01 0.16 -2.30
C GLN A 35 8.01 0.96 -1.47
N ASN A 36 7.86 2.29 -1.49
CA ASN A 36 8.75 3.17 -0.73
C ASN A 36 8.45 3.08 0.76
N LYS A 37 7.17 2.97 1.10
CA LYS A 37 6.75 2.89 2.49
C LYS A 37 7.17 1.56 3.11
N ARG A 38 7.07 0.49 2.33
CA ARG A 38 7.44 -0.84 2.80
C ARG A 38 8.91 -0.88 3.22
N ALA A 39 9.72 -0.06 2.57
CA ALA A 39 11.15 -0.02 2.88
C ALA A 39 11.41 0.81 4.13
N LYS A 40 10.67 1.90 4.29
CA LYS A 40 10.83 2.78 5.45
C LYS A 40 10.50 2.03 6.74
N ILE A 41 9.21 1.78 6.96
CA ILE A 41 8.76 1.07 8.16
C ILE A 41 9.19 1.80 9.42
N LYS A 42 8.25 2.50 10.04
CA LYS A 42 8.54 3.24 11.27
C LYS A 42 9.59 4.32 11.02
N LYS A 43 9.92 5.08 12.06
CA LYS A 43 10.91 6.14 11.96
C LYS A 43 10.45 7.21 10.98
N SER A 44 9.88 8.28 11.51
CA SER A 44 9.39 9.38 10.68
C SER A 44 8.35 8.88 9.67
#